data_7YIY
#
_entry.id   7YIY
#
_cell.length_a   1.00
_cell.length_b   1.00
_cell.length_c   1.00
_cell.angle_alpha   90.00
_cell.angle_beta   90.00
_cell.angle_gamma   90.00
#
_symmetry.space_group_name_H-M   'P 1'
#
loop_
_entity.id
_entity.type
_entity.pdbx_description
1 polymer 'Serine palmitoyltransferase 2'
2 polymer 'Serine palmitoyltransferase 1'
3 polymer 'ORM1-like protein 3'
4 polymer 'Serine palmitoyltransferase small subunit A'
5 polymer 'Serine palmitoyltransferase 1'
6 non-polymer "PYRIDOXAL-5'-PHOSPHATE"
7 non-polymer N-[(2S,3R,4E)-1,3-dihydroxyoctadec-4-en-2-yl]tetracosanamide
#
loop_
_entity_poly.entity_id
_entity_poly.type
_entity_poly.pdbx_seq_one_letter_code
_entity_poly.pdbx_strand_id
1 'polypeptide(L)'
;MRPEPGGCCCRRTVRANGCVANGEVRNGYVRSSAAAAAAAAAGQIHHVTQNGGLYKRPFNEAFEETPMLVAVLTYVGYGV
LTLFGYLRDFLRYWRIEKCHHATEREEQKDFVSLYQDFENFYTRNLYMRIRDNWNRPICSVPGARVDIMERQSHDYNWSF
KYTGNIIKGVINMGSYNYLGFARNTGSCQEAAAKVLEEYGAGVCSTRQEIGNLDKHEELEELVARFLGVEAAMAYGMGFA
TNSMNIPALVGKGCLILSDELNHASLVLGARLSGATIRIFKHNNMQSLEKLLKDAIVYGQPRTRRPWKKILILVEGIYSM
EGSIVRLPEVIALKKKYKAYLYLDEAHSIGALGPTGRGVVEYFGLDPEDVDVMMGTFTKSFGASGGYIGGKKELIDYLRT
HSHSAVYATSLSPPVVEQIITSMKCIMGQDGTSLGKECVQQLAENTRYFRRRLKEMGFIIYGNEDSPVVPLMLYMPAKIG
AFGREMLKRNIGVVVVGFPATPIIESRARFCLSAAHTKEILDTALKEIDEVGDLLQLKYSRHRLVPLLDRPFDETTYEET
ED
;
B
2 'polypeptide(L)' MATATEQWVLVEMVQALYEAPAYHLILEGILILWIIRLLFSKTYKLQERS E
3 'polypeptide(L)'
;MNVGTAHSEVNPNTRVMNSRGIWLSYVLAIGLLHIVLLSIPFVSVPVVWTLTNLIHNMGMYIFLHTVKGTPFETPDQGKA
RLLTHWEQMDYGVQFTASRKFLTITPIVLYFLTSFYTKYDQIHFVLNTVSLMSVLIPKLPQLHGVRIFGINKY
;
D
4 'polypeptide(L)'
;MADYKDDDDKSGPDEVDASGRMAGMALARAWKQMSWFYYQYLLVTALYMLEPWERTVFNSMLVSIVGMALYTGYVFMPQH
IMAILHYFEIVQ
;
C
5 'polypeptide(L)'
;DLTVKEKEELIEEWQPEPLVPPVPKDHPALNYNIVSGPPSHKTVVNGKECINFASFNFLGLLDNPRVKAAALASLKKYGV
GTCGPRGFYGTFDVHLDLEDRLAKFMKTEEAIIYSYGFATIASAIPAYSKRGDIVFVDRAACFAIQKGLQASRSDIKLFK
HNDMADLERLLKEQEIEDQKNPRKARVTRRFIVVEGLYMNTGTICPLPELVKLKYKYKARIFLEESLSFGVLGEHGRGVT
EHYGINIDDIDLISANMENALASIGGFCCGRSFVIDHQRLSGQGYCFSASLPPLLAAAAIEALNIMEENPGIFAVLKEKC
GQIHKALQGISGLKVVGESLSPAFHLQLEESTGSREQDVRLLQEIVDQCMNRSIALTQARYLEKEEKCLPPPSIRVVVTV
EQTEEELERAASTIKEVAQAVLL
;
A
#
# COMPACT_ATOMS: atom_id res chain seq x y z
N ILE A 45 -6.58 -32.91 21.28
CA ILE A 45 -7.31 -33.27 22.50
C ILE A 45 -8.80 -33.23 22.23
N HIS A 46 -9.32 -32.03 21.98
CA HIS A 46 -10.73 -31.81 21.73
C HIS A 46 -11.21 -32.55 20.49
N HIS A 47 -10.67 -32.21 19.33
CA HIS A 47 -11.10 -32.82 18.07
C HIS A 47 -10.00 -32.62 17.03
N VAL A 48 -9.84 -33.60 16.15
CA VAL A 48 -8.81 -33.56 15.12
C VAL A 48 -9.46 -33.77 13.75
N THR A 49 -8.80 -33.25 12.73
CA THR A 49 -9.29 -33.33 11.35
C THR A 49 -8.68 -34.56 10.70
N GLN A 50 -8.81 -34.68 9.38
CA GLN A 50 -8.19 -35.79 8.64
C GLN A 50 -6.79 -35.47 8.16
N ASN A 51 -6.42 -34.19 8.04
CA ASN A 51 -5.06 -33.83 7.64
C ASN A 51 -4.03 -34.21 8.70
N GLY A 52 -4.37 -34.07 9.97
CA GLY A 52 -3.43 -34.24 11.05
C GLY A 52 -3.57 -33.16 12.11
N GLY A 53 -4.32 -32.11 11.79
CA GLY A 53 -4.52 -30.99 12.68
C GLY A 53 -5.16 -31.38 14.02
N LEU A 54 -4.62 -30.85 15.11
CA LEU A 54 -5.04 -31.23 16.45
C LEU A 54 -5.53 -29.99 17.19
N TYR A 55 -6.81 -29.97 17.54
CA TYR A 55 -7.42 -28.87 18.26
C TYR A 55 -7.68 -29.25 19.71
N LYS A 56 -7.37 -28.33 20.62
CA LYS A 56 -7.49 -28.60 22.04
C LYS A 56 -8.75 -28.03 22.66
N ARG A 57 -9.36 -27.07 21.96
CA ARG A 57 -10.61 -26.41 22.35
C ARG A 57 -11.40 -26.14 21.06
N PRO A 58 -12.73 -25.96 21.16
CA PRO A 58 -13.48 -25.71 19.92
C PRO A 58 -13.03 -24.45 19.20
N PHE A 59 -13.11 -24.50 17.88
CA PHE A 59 -12.68 -23.43 16.97
C PHE A 59 -13.85 -23.14 16.05
N ASN A 60 -14.59 -22.08 16.36
CA ASN A 60 -15.78 -21.72 15.61
C ASN A 60 -15.91 -20.27 15.15
N GLU A 61 -16.06 -20.11 13.85
CA GLU A 61 -16.26 -18.84 13.18
C GLU A 61 -17.66 -18.79 12.57
N ALA A 62 -17.99 -17.64 11.97
CA ALA A 62 -19.28 -17.46 11.33
C ALA A 62 -19.18 -16.33 10.34
N PHE A 63 -19.60 -16.57 9.09
CA PHE A 63 -19.66 -15.55 8.05
C PHE A 63 -21.01 -15.63 7.35
N GLU A 64 -22.02 -14.97 7.91
CA GLU A 64 -23.37 -15.09 7.39
C GLU A 64 -23.49 -14.43 6.03
N GLU A 65 -24.31 -15.04 5.18
CA GLU A 65 -24.44 -14.62 3.79
C GLU A 65 -25.42 -13.46 3.66
N THR A 66 -25.10 -12.54 2.76
CA THR A 66 -25.91 -11.34 2.59
C THR A 66 -27.27 -11.69 2.02
N PRO A 67 -28.37 -11.19 2.60
CA PRO A 67 -29.70 -11.51 2.08
C PRO A 67 -29.93 -10.97 0.68
N MET A 68 -30.79 -11.67 -0.08
CA MET A 68 -30.93 -11.40 -1.51
C MET A 68 -31.51 -10.02 -1.78
N LEU A 69 -32.52 -9.61 -1.02
CA LEU A 69 -33.11 -8.29 -1.24
C LEU A 69 -32.09 -7.18 -0.97
N VAL A 70 -31.34 -7.31 0.11
CA VAL A 70 -30.30 -6.33 0.41
C VAL A 70 -29.24 -6.33 -0.68
N ALA A 71 -28.87 -7.51 -1.18
CA ALA A 71 -27.87 -7.58 -2.23
C ALA A 71 -28.35 -6.87 -3.49
N VAL A 72 -29.62 -7.05 -3.85
CA VAL A 72 -30.17 -6.34 -5.01
C VAL A 72 -30.16 -4.83 -4.79
N LEU A 73 -30.53 -4.37 -3.59
CA LEU A 73 -30.67 -2.94 -3.36
C LEU A 73 -29.35 -2.17 -3.34
N THR A 74 -28.20 -2.83 -3.29
CA THR A 74 -26.93 -2.12 -3.34
C THR A 74 -26.45 -1.84 -4.75
N TYR A 75 -26.75 -2.73 -5.69
CA TYR A 75 -26.47 -2.47 -7.10
C TYR A 75 -27.22 -1.25 -7.60
N VAL A 76 -28.42 -0.99 -7.07
CA VAL A 76 -29.14 0.22 -7.43
C VAL A 76 -28.35 1.46 -7.07
N GLY A 77 -27.82 1.51 -5.85
CA GLY A 77 -27.06 2.67 -5.43
C GLY A 77 -25.77 2.84 -6.21
N TYR A 78 -25.05 1.75 -6.43
CA TYR A 78 -23.82 1.86 -7.22
C TYR A 78 -24.11 2.27 -8.66
N GLY A 79 -25.22 1.79 -9.24
CA GLY A 79 -25.59 2.20 -10.58
C GLY A 79 -25.97 3.67 -10.68
N VAL A 80 -26.78 4.15 -9.74
CA VAL A 80 -27.12 5.57 -9.70
C VAL A 80 -25.89 6.44 -9.56
N LEU A 81 -24.97 6.07 -8.68
CA LEU A 81 -23.73 6.84 -8.53
C LEU A 81 -22.88 6.82 -9.79
N THR A 82 -22.80 5.69 -10.49
CA THR A 82 -22.06 5.65 -11.74
C THR A 82 -22.70 6.56 -12.80
N LEU A 83 -24.02 6.52 -12.91
CA LEU A 83 -24.72 7.33 -13.91
C LEU A 83 -24.52 8.82 -13.64
N PHE A 84 -24.61 9.25 -12.39
CA PHE A 84 -24.37 10.66 -12.10
C PHE A 84 -22.91 11.05 -12.22
N GLY A 85 -21.99 10.14 -11.96
CA GLY A 85 -20.59 10.44 -12.22
C GLY A 85 -20.28 10.69 -13.67
N TYR A 86 -20.86 9.92 -14.58
CA TYR A 86 -20.70 10.21 -16.01
C TYR A 86 -21.26 11.58 -16.39
N LEU A 87 -22.41 11.95 -15.84
CA LEU A 87 -22.99 13.26 -16.12
C LEU A 87 -22.10 14.39 -15.61
N ARG A 88 -21.54 14.25 -14.42
CA ARG A 88 -20.63 15.29 -13.90
C ARG A 88 -19.37 15.38 -14.73
N ASP A 89 -18.80 14.24 -15.14
CA ASP A 89 -17.61 14.28 -15.98
C ASP A 89 -17.91 14.93 -17.33
N PHE A 90 -19.08 14.70 -17.88
CA PHE A 90 -19.52 15.39 -19.08
C PHE A 90 -19.68 16.88 -18.88
N LEU A 91 -20.28 17.30 -17.78
CA LEU A 91 -20.45 18.72 -17.47
C LEU A 91 -19.14 19.43 -17.19
N ARG A 92 -18.07 18.72 -16.89
CA ARG A 92 -16.81 19.39 -16.58
C ARG A 92 -16.07 19.93 -17.80
N TYR A 93 -16.57 19.60 -18.99
CA TYR A 93 -15.97 19.98 -20.27
C TYR A 93 -16.13 21.44 -20.69
N TRP A 94 -17.37 21.85 -20.87
CA TRP A 94 -17.74 23.19 -21.32
C TRP A 94 -18.83 23.83 -20.46
N ARG A 95 -18.75 23.63 -19.15
CA ARG A 95 -19.80 24.09 -18.25
C ARG A 95 -19.18 24.44 -16.91
N ILE A 96 -19.97 24.36 -15.84
CA ILE A 96 -19.56 24.74 -14.49
C ILE A 96 -18.09 24.44 -14.25
N GLU A 97 -17.35 25.49 -13.89
CA GLU A 97 -15.90 25.48 -14.09
C GLU A 97 -15.20 24.57 -13.08
N LYS A 98 -15.71 24.49 -11.86
CA LYS A 98 -15.07 23.74 -10.79
C LYS A 98 -13.62 24.16 -10.62
N CYS A 99 -13.40 25.47 -10.55
CA CYS A 99 -12.07 26.06 -10.47
C CYS A 99 -11.54 25.89 -9.05
N HIS A 100 -11.49 24.63 -8.61
CA HIS A 100 -11.04 24.29 -7.27
C HIS A 100 -10.05 23.14 -7.33
N HIS A 101 -10.08 22.40 -8.43
CA HIS A 101 -9.14 21.30 -8.62
C HIS A 101 -7.82 21.84 -9.17
N ALA A 102 -6.75 21.11 -8.90
CA ALA A 102 -5.44 21.51 -9.35
C ALA A 102 -5.28 21.22 -10.84
N THR A 103 -4.43 22.01 -11.50
CA THR A 103 -4.21 21.89 -12.93
C THR A 103 -2.71 21.97 -13.21
N GLU A 104 -2.34 21.50 -14.40
CA GLU A 104 -0.96 21.55 -14.85
C GLU A 104 -0.51 23.00 -15.04
N ARG A 105 0.80 23.21 -14.95
CA ARG A 105 1.39 24.50 -15.28
C ARG A 105 1.06 24.90 -16.71
N GLU A 106 1.14 26.21 -16.97
CA GLU A 106 0.98 26.71 -18.32
C GLU A 106 2.14 26.30 -19.23
N GLU A 107 3.36 26.28 -18.70
CA GLU A 107 4.53 25.99 -19.51
C GLU A 107 4.62 24.52 -19.92
N GLN A 108 3.78 23.66 -19.35
CA GLN A 108 3.81 22.24 -19.64
C GLN A 108 2.46 21.74 -20.17
N LYS A 109 1.88 22.51 -21.08
CA LYS A 109 0.60 22.16 -21.67
C LYS A 109 0.77 21.23 -22.87
N ASP A 110 1.94 21.25 -23.48
CA ASP A 110 2.24 20.41 -24.63
C ASP A 110 2.97 19.13 -24.26
N PHE A 111 3.09 18.83 -22.98
CA PHE A 111 3.57 17.54 -22.51
C PHE A 111 2.45 16.50 -22.65
N VAL A 112 2.81 15.25 -22.48
CA VAL A 112 1.81 14.21 -22.28
C VAL A 112 1.24 14.37 -20.87
N SER A 113 -0.08 14.25 -20.73
CA SER A 113 -0.71 14.51 -19.45
C SER A 113 -0.21 13.53 -18.40
N LEU A 114 -0.12 14.02 -17.16
CA LEU A 114 0.51 13.23 -16.10
C LEU A 114 -0.35 12.06 -15.67
N TYR A 115 -1.67 12.21 -15.64
CA TYR A 115 -2.54 11.17 -15.12
C TYR A 115 -3.46 10.62 -16.20
N GLN A 116 -3.82 9.35 -16.03
CA GLN A 116 -4.79 8.68 -16.87
C GLN A 116 -6.08 9.21 -16.24
N ASP A 117 -7.01 9.69 -17.05
CA ASP A 117 -8.19 10.38 -16.50
C ASP A 117 -9.22 9.41 -15.96
N PHE A 118 -9.43 8.26 -16.63
CA PHE A 118 -10.47 7.35 -16.18
C PHE A 118 -10.14 6.74 -14.83
N GLU A 119 -8.87 6.48 -14.57
CA GLU A 119 -8.45 6.21 -13.21
C GLU A 119 -8.68 7.46 -12.38
N ASN A 120 -9.22 7.26 -11.18
CA ASN A 120 -9.72 8.26 -10.24
C ASN A 120 -11.03 8.89 -10.73
N PHE A 121 -11.77 8.15 -11.55
CA PHE A 121 -13.21 8.35 -11.66
C PHE A 121 -13.87 8.15 -10.32
N TYR A 122 -13.55 7.06 -9.62
CA TYR A 122 -14.09 6.80 -8.30
C TYR A 122 -13.63 7.83 -7.28
N THR A 123 -12.37 8.26 -7.35
CA THR A 123 -11.86 9.26 -6.42
C THR A 123 -12.68 10.53 -6.45
N ARG A 124 -12.99 11.05 -7.63
CA ARG A 124 -13.71 12.32 -7.71
C ARG A 124 -15.23 12.16 -7.76
N ASN A 125 -15.75 10.94 -7.87
CA ASN A 125 -17.20 10.78 -7.97
C ASN A 125 -17.86 10.00 -6.84
N LEU A 126 -17.13 9.19 -6.07
CA LEU A 126 -17.71 8.53 -4.92
C LEU A 126 -16.96 8.87 -3.65
N TYR A 127 -15.64 8.74 -3.69
CA TYR A 127 -14.83 8.93 -2.49
C TYR A 127 -14.92 10.36 -1.99
N MET A 128 -14.88 11.33 -2.89
CA MET A 128 -14.93 12.73 -2.50
C MET A 128 -16.21 13.12 -1.80
N ARG A 129 -17.29 12.37 -2.02
CA ARG A 129 -18.58 12.71 -1.44
C ARG A 129 -18.68 12.34 0.03
N ILE A 130 -17.83 11.47 0.54
CA ILE A 130 -17.92 11.03 1.92
C ILE A 130 -16.58 11.06 2.63
N ARG A 131 -15.62 11.82 2.11
CA ARG A 131 -14.25 11.75 2.61
C ARG A 131 -14.03 12.46 3.93
N ASP A 132 -15.06 13.09 4.51
CA ASP A 132 -14.94 13.66 5.84
C ASP A 132 -15.03 12.61 6.93
N ASN A 133 -14.89 11.34 6.56
CA ASN A 133 -14.90 10.24 7.50
C ASN A 133 -13.52 9.68 7.79
N TRP A 134 -12.47 10.15 7.12
CA TRP A 134 -11.22 9.40 7.16
C TRP A 134 -10.06 10.14 7.80
N ASN A 135 -9.63 11.28 7.31
CA ASN A 135 -8.36 11.82 7.82
C ASN A 135 -8.58 12.78 8.99
N ARG A 136 -9.29 12.33 10.01
CA ARG A 136 -9.64 13.20 11.12
C ARG A 136 -8.42 13.44 12.00
N PRO A 137 -8.00 14.69 12.21
CA PRO A 137 -6.85 14.94 13.07
C PRO A 137 -7.22 14.93 14.54
N ILE A 138 -6.29 14.48 15.37
CA ILE A 138 -6.49 14.37 16.80
C ILE A 138 -5.41 15.19 17.50
N CYS A 139 -5.70 15.60 18.73
CA CYS A 139 -4.81 16.45 19.49
C CYS A 139 -4.67 15.95 20.92
N SER A 140 -4.50 14.65 21.07
CA SER A 140 -4.44 14.03 22.39
C SER A 140 -3.79 12.67 22.26
N VAL A 141 -3.41 12.10 23.39
CA VAL A 141 -2.90 10.73 23.45
C VAL A 141 -4.02 9.77 23.08
N PRO A 142 -3.84 8.90 22.10
CA PRO A 142 -4.93 8.04 21.66
C PRO A 142 -5.14 6.80 22.50
N GLY A 143 -6.10 6.82 23.42
CA GLY A 143 -6.53 5.58 24.02
C GLY A 143 -7.77 5.69 24.88
N ALA A 144 -8.77 4.88 24.55
CA ALA A 144 -10.04 4.74 25.26
C ALA A 144 -10.87 6.03 25.28
N ARG A 145 -10.25 7.14 24.89
CA ARG A 145 -10.84 8.48 24.86
C ARG A 145 -9.85 9.35 24.12
N VAL A 146 -10.34 10.20 23.22
CA VAL A 146 -9.45 10.99 22.37
C VAL A 146 -10.13 12.32 22.03
N ASP A 147 -9.31 13.32 21.74
CA ASP A 147 -9.78 14.63 21.32
C ASP A 147 -9.72 14.75 19.80
N ILE A 148 -10.82 15.17 19.19
CA ILE A 148 -10.90 15.36 17.75
C ILE A 148 -10.96 16.85 17.48
N MET A 149 -10.34 17.27 16.37
CA MET A 149 -10.42 18.65 15.92
C MET A 149 -11.61 18.81 14.98
N GLU A 150 -12.52 19.71 15.31
CA GLU A 150 -13.69 19.94 14.47
C GLU A 150 -13.33 20.62 13.16
N ARG A 151 -13.90 20.13 12.06
CA ARG A 151 -13.68 20.71 10.75
C ARG A 151 -14.99 20.65 9.99
N GLN A 152 -15.24 21.69 9.19
CA GLN A 152 -16.44 21.80 8.40
C GLN A 152 -16.07 22.12 6.97
N SER A 153 -16.97 21.81 6.06
CA SER A 153 -16.75 22.05 4.64
C SER A 153 -17.97 22.72 4.03
N HIS A 154 -17.73 23.59 3.06
CA HIS A 154 -18.82 24.30 2.39
C HIS A 154 -18.93 24.01 0.91
N ASP A 155 -18.02 23.23 0.34
CA ASP A 155 -18.06 22.89 -1.08
C ASP A 155 -18.09 21.39 -1.28
N TYR A 156 -18.78 20.69 -0.40
CA TYR A 156 -18.97 19.25 -0.47
C TYR A 156 -17.63 18.51 -0.48
N ASN A 157 -16.83 18.80 0.54
CA ASN A 157 -15.62 18.06 0.90
C ASN A 157 -14.49 18.27 -0.10
N TRP A 158 -14.54 19.29 -0.94
CA TRP A 158 -13.39 19.60 -1.78
C TRP A 158 -12.33 20.39 -1.05
N SER A 159 -12.65 20.96 0.10
CA SER A 159 -11.71 21.62 0.98
C SER A 159 -12.32 21.69 2.36
N PHE A 160 -11.46 21.73 3.37
CA PHE A 160 -11.88 21.77 4.76
C PHE A 160 -11.35 23.04 5.43
N LYS A 161 -11.89 23.35 6.59
CA LYS A 161 -11.38 24.44 7.41
C LYS A 161 -11.73 24.15 8.85
N TYR A 162 -10.89 24.63 9.78
CA TYR A 162 -11.06 24.33 11.19
C TYR A 162 -11.89 25.39 11.88
N THR A 163 -12.76 24.95 12.79
CA THR A 163 -13.64 25.86 13.50
C THR A 163 -13.03 26.36 14.81
N GLY A 164 -11.87 25.84 15.21
CA GLY A 164 -11.24 26.22 16.45
C GLY A 164 -11.72 25.47 17.67
N ASN A 165 -12.70 24.58 17.53
CA ASN A 165 -13.26 23.84 18.65
C ASN A 165 -12.77 22.40 18.66
N ILE A 166 -12.76 21.82 19.85
CA ILE A 166 -12.30 20.46 20.03
C ILE A 166 -13.33 19.60 20.75
N ILE A 167 -13.66 18.44 20.18
CA ILE A 167 -14.61 17.54 20.79
C ILE A 167 -13.85 16.77 21.87
N LYS A 168 -14.09 17.15 23.11
CA LYS A 168 -13.41 16.59 24.29
C LYS A 168 -13.18 15.09 24.45
N GLY A 169 -14.16 14.35 24.95
CA GLY A 169 -13.96 12.93 25.18
C GLY A 169 -14.73 11.96 24.30
N VAL A 170 -14.16 11.65 23.15
CA VAL A 170 -14.79 10.73 22.20
C VAL A 170 -14.33 9.30 22.47
N ILE A 171 -15.26 8.36 22.53
CA ILE A 171 -14.89 6.97 22.77
C ILE A 171 -14.13 6.48 21.55
N ASN A 172 -12.88 6.08 21.77
CA ASN A 172 -12.01 5.63 20.68
C ASN A 172 -12.19 4.13 20.48
N MET A 173 -12.75 3.74 19.34
CA MET A 173 -12.75 2.34 18.95
C MET A 173 -12.21 2.18 17.53
N GLY A 174 -11.29 3.05 17.12
CA GLY A 174 -10.73 3.01 15.80
C GLY A 174 -9.21 2.85 15.75
N SER A 175 -8.55 2.91 16.89
CA SER A 175 -7.10 2.78 16.96
C SER A 175 -6.71 1.40 17.48
N TYR A 176 -5.57 0.90 17.01
CA TYR A 176 -5.01 -0.37 17.49
C TYR A 176 -4.32 -0.12 18.82
N ASN A 177 -5.03 -0.37 19.90
CA ASN A 177 -4.50 -0.12 21.23
C ASN A 177 -4.85 -1.28 22.16
N TYR A 178 -4.63 -2.50 21.70
CA TYR A 178 -4.81 -3.64 22.58
C TYR A 178 -3.82 -3.54 23.74
N LEU A 179 -4.25 -4.03 24.90
CA LEU A 179 -3.46 -4.02 26.13
C LEU A 179 -3.28 -2.62 26.71
N GLY A 180 -3.75 -1.59 26.00
CA GLY A 180 -3.80 -0.25 26.56
C GLY A 180 -2.49 0.37 26.97
N PHE A 181 -1.42 0.13 26.21
CA PHE A 181 -0.11 0.67 26.54
C PHE A 181 0.12 2.06 25.98
N ALA A 182 -0.80 2.61 25.19
CA ALA A 182 -0.66 3.95 24.63
C ALA A 182 -1.20 4.96 25.63
N ARG A 183 -0.28 5.61 26.35
CA ARG A 183 -0.63 6.62 27.33
C ARG A 183 0.54 7.55 27.54
N ASN A 184 0.35 8.57 28.37
CA ASN A 184 1.42 9.51 28.67
C ASN A 184 1.72 9.57 30.17
N THR A 185 1.56 8.46 30.87
CA THR A 185 2.01 8.29 32.25
C THR A 185 2.43 6.84 32.45
N GLY A 186 3.25 6.61 33.45
CA GLY A 186 3.65 5.26 33.82
C GLY A 186 5.14 5.08 33.76
N SER A 187 5.56 3.83 33.87
CA SER A 187 6.98 3.49 33.87
C SER A 187 7.60 3.50 32.48
N CYS A 188 6.83 3.13 31.45
CA CYS A 188 7.36 3.11 30.09
C CYS A 188 7.79 4.48 29.62
N GLN A 189 6.95 5.47 29.90
CA GLN A 189 7.19 6.86 29.52
C GLN A 189 8.38 7.46 30.25
N GLU A 190 8.52 7.08 31.51
CA GLU A 190 9.60 7.51 32.38
C GLU A 190 10.92 7.00 31.85
N ALA A 191 10.95 5.71 31.52
CA ALA A 191 12.16 5.11 30.97
C ALA A 191 12.53 5.73 29.62
N ALA A 192 11.53 5.95 28.76
CA ALA A 192 11.78 6.56 27.46
C ALA A 192 12.37 7.95 27.58
N ALA A 193 11.85 8.78 28.49
CA ALA A 193 12.39 10.13 28.65
C ALA A 193 13.82 10.10 29.16
N LYS A 194 14.12 9.15 30.03
CA LYS A 194 15.46 9.00 30.57
C LYS A 194 16.42 8.68 29.43
N VAL A 195 16.06 7.72 28.59
CA VAL A 195 16.91 7.39 27.45
C VAL A 195 17.03 8.56 26.48
N LEU A 196 15.92 9.24 26.19
CA LEU A 196 15.94 10.39 25.29
C LEU A 196 16.88 11.49 25.76
N GLU A 197 16.98 11.71 27.07
CA GLU A 197 17.85 12.75 27.58
C GLU A 197 19.33 12.52 27.25
N GLU A 198 19.78 11.28 27.24
CA GLU A 198 21.18 10.99 27.00
C GLU A 198 21.58 10.57 25.59
N TYR A 199 20.67 9.94 24.85
CA TYR A 199 21.00 9.46 23.52
C TYR A 199 20.65 10.46 22.43
N GLY A 200 19.40 10.90 22.38
CA GLY A 200 18.89 11.69 21.29
C GLY A 200 17.78 10.96 20.56
N ALA A 201 17.20 11.66 19.58
CA ALA A 201 16.04 11.12 18.90
C ALA A 201 16.42 10.32 17.67
N GLY A 202 17.57 10.62 17.08
CA GLY A 202 17.93 10.04 15.80
C GLY A 202 19.21 9.22 15.89
N VAL A 203 19.34 8.32 14.92
CA VAL A 203 20.59 7.66 14.59
C VAL A 203 20.97 8.22 13.23
N CYS A 204 22.26 8.28 12.91
CA CYS A 204 22.64 8.89 11.64
C CYS A 204 23.45 7.92 10.78
N SER A 205 23.11 6.64 10.80
CA SER A 205 23.85 5.65 10.03
C SER A 205 23.07 4.34 10.03
N THR A 206 23.67 3.30 9.47
CA THR A 206 23.07 1.99 9.29
C THR A 206 23.69 1.00 10.25
N ARG A 207 22.99 -0.13 10.46
CA ARG A 207 23.47 -1.14 11.39
C ARG A 207 24.85 -1.66 11.00
N GLN A 208 25.19 -1.59 9.73
CA GLN A 208 26.45 -2.12 9.25
C GLN A 208 27.58 -1.11 9.23
N GLU A 209 27.34 0.15 9.56
CA GLU A 209 28.47 1.06 9.56
C GLU A 209 28.81 1.64 10.93
N ILE A 210 27.95 2.50 11.49
CA ILE A 210 28.18 2.96 12.86
C ILE A 210 26.85 3.10 13.60
N GLY A 211 25.78 2.56 13.02
CA GLY A 211 24.46 2.75 13.57
C GLY A 211 23.96 1.60 14.43
N ASN A 212 24.87 0.77 14.91
CA ASN A 212 24.55 -0.39 15.75
C ASN A 212 24.96 -0.05 17.18
N LEU A 213 23.98 0.36 17.98
CA LEU A 213 24.22 0.72 19.37
C LEU A 213 23.96 -0.48 20.28
N ASP A 214 24.24 -0.31 21.56
CA ASP A 214 24.03 -1.38 22.52
C ASP A 214 22.57 -1.58 22.87
N LYS A 215 21.73 -0.56 22.66
CA LYS A 215 20.29 -0.73 22.87
C LYS A 215 19.68 -1.71 21.89
N HIS A 216 20.12 -1.67 20.63
CA HIS A 216 19.66 -2.65 19.65
C HIS A 216 20.03 -4.07 20.04
N GLU A 217 21.25 -4.26 20.54
CA GLU A 217 21.70 -5.58 20.99
C GLU A 217 20.94 -6.03 22.21
N GLU A 218 20.54 -5.10 23.08
CA GLU A 218 19.72 -5.46 24.24
C GLU A 218 18.29 -5.82 23.85
N LEU A 219 17.70 -5.10 22.90
CA LEU A 219 16.34 -5.42 22.45
C LEU A 219 16.27 -6.74 21.69
N GLU A 220 17.25 -7.03 20.83
CA GLU A 220 17.17 -8.23 20.02
C GLU A 220 17.37 -9.49 20.82
N GLU A 221 17.98 -9.37 22.01
CA GLU A 221 18.18 -10.50 22.89
C GLU A 221 16.89 -10.77 23.68
N LEU A 222 16.16 -9.72 23.98
CA LEU A 222 14.89 -9.83 24.72
C LEU A 222 13.75 -10.33 23.86
N VAL A 223 13.70 -9.94 22.59
CA VAL A 223 12.63 -10.44 21.73
C VAL A 223 12.74 -11.96 21.56
N ALA A 224 13.96 -12.48 21.47
CA ALA A 224 14.15 -13.91 21.30
C ALA A 224 13.65 -14.70 22.51
N ARG A 225 13.89 -14.21 23.73
CA ARG A 225 13.34 -14.85 24.91
C ARG A 225 11.82 -14.67 25.01
N PHE A 226 11.28 -13.56 24.52
CA PHE A 226 9.83 -13.41 24.52
C PHE A 226 9.16 -14.43 23.61
N LEU A 227 9.69 -14.63 22.40
CA LEU A 227 9.06 -15.53 21.45
C LEU A 227 9.41 -16.99 21.67
N GLY A 228 10.44 -17.28 22.46
CA GLY A 228 10.87 -18.65 22.63
C GLY A 228 11.68 -19.21 21.48
N VAL A 229 12.37 -18.35 20.73
CA VAL A 229 13.14 -18.77 19.56
C VAL A 229 14.62 -18.56 19.84
N GLU A 230 15.46 -18.86 18.85
CA GLU A 230 16.90 -18.80 19.05
C GLU A 230 17.45 -17.40 18.88
N ALA A 231 16.99 -16.64 17.90
CA ALA A 231 17.55 -15.33 17.61
C ALA A 231 16.50 -14.44 16.97
N ALA A 232 16.73 -13.13 17.05
CA ALA A 232 15.77 -12.16 16.53
C ALA A 232 16.53 -10.96 15.98
N MET A 233 15.83 -10.17 15.16
CA MET A 233 16.38 -8.96 14.57
C MET A 233 15.28 -7.91 14.45
N ALA A 234 15.64 -6.65 14.66
CA ALA A 234 14.69 -5.53 14.66
C ALA A 234 14.98 -4.59 13.49
N TYR A 235 13.94 -3.93 12.97
CA TYR A 235 14.07 -3.22 11.70
C TYR A 235 13.78 -1.73 11.76
N GLY A 236 12.62 -1.29 12.22
CA GLY A 236 12.38 0.14 12.15
C GLY A 236 11.11 0.57 11.47
N MET A 237 10.50 -0.33 10.70
CA MET A 237 9.20 -0.09 10.08
C MET A 237 8.56 -1.43 9.83
N GLY A 238 7.24 -1.52 9.98
CA GLY A 238 6.57 -2.80 9.79
C GLY A 238 6.32 -3.14 8.32
N PHE A 239 6.02 -2.13 7.51
CA PHE A 239 5.89 -2.33 6.07
C PHE A 239 7.21 -2.78 5.46
N ALA A 240 8.31 -2.16 5.87
CA ALA A 240 9.64 -2.48 5.43
C ALA A 240 10.10 -3.86 5.86
N THR A 241 9.71 -4.33 7.05
CA THR A 241 10.10 -5.65 7.51
C THR A 241 9.70 -6.74 6.53
N ASN A 242 8.55 -6.61 5.87
CA ASN A 242 8.22 -7.58 4.84
C ASN A 242 8.82 -7.22 3.50
N SER A 243 8.60 -5.98 3.04
CA SER A 243 8.97 -5.64 1.67
C SER A 243 10.48 -5.59 1.42
N MET A 244 11.31 -5.60 2.47
CA MET A 244 12.75 -5.59 2.29
C MET A 244 13.42 -6.86 2.78
N ASN A 245 12.65 -7.84 3.26
CA ASN A 245 13.20 -9.10 3.72
C ASN A 245 12.72 -10.30 2.94
N ILE A 246 11.50 -10.28 2.40
CA ILE A 246 11.02 -11.42 1.61
C ILE A 246 11.88 -11.63 0.35
N PRO A 247 12.26 -10.59 -0.40
CA PRO A 247 13.10 -10.83 -1.57
C PRO A 247 14.50 -11.34 -1.27
N ALA A 248 14.93 -11.37 0.00
CA ALA A 248 16.20 -11.93 0.38
C ALA A 248 16.14 -13.43 0.59
N LEU A 249 14.96 -14.04 0.53
CA LEU A 249 14.78 -15.46 0.79
C LEU A 249 14.35 -16.26 -0.43
N VAL A 250 13.73 -15.64 -1.43
CA VAL A 250 13.27 -16.36 -2.61
C VAL A 250 13.56 -15.53 -3.86
N GLY A 251 13.60 -16.22 -4.99
CA GLY A 251 13.87 -15.61 -6.28
C GLY A 251 13.36 -16.47 -7.39
N LYS A 252 13.95 -16.31 -8.58
CA LYS A 252 13.56 -17.09 -9.75
C LYS A 252 13.74 -18.59 -9.48
N GLY A 253 12.72 -19.38 -9.83
CA GLY A 253 12.73 -20.79 -9.55
C GLY A 253 12.12 -21.20 -8.23
N CYS A 254 11.47 -20.29 -7.52
CA CYS A 254 10.79 -20.57 -6.27
C CYS A 254 9.32 -20.23 -6.39
N LEU A 255 8.50 -20.90 -5.59
CA LEU A 255 7.06 -20.72 -5.63
C LEU A 255 6.59 -20.14 -4.31
N ILE A 256 5.77 -19.08 -4.38
CA ILE A 256 5.13 -18.49 -3.22
C ILE A 256 3.65 -18.82 -3.28
N LEU A 257 3.12 -19.39 -2.22
CA LEU A 257 1.69 -19.66 -2.07
C LEU A 257 1.12 -18.68 -1.06
N SER A 258 0.27 -17.78 -1.51
CA SER A 258 -0.22 -16.68 -0.68
C SER A 258 -1.72 -16.81 -0.43
N ASP A 259 -2.11 -16.54 0.81
CA ASP A 259 -3.51 -16.51 1.19
C ASP A 259 -4.24 -15.34 0.54
N GLU A 260 -5.55 -15.49 0.42
CA GLU A 260 -6.36 -14.59 -0.39
C GLU A 260 -6.49 -13.20 0.23
N LEU A 261 -6.16 -13.06 1.52
CA LEU A 261 -6.38 -11.79 2.21
C LEU A 261 -5.13 -11.22 2.85
N ASN A 262 -3.95 -11.42 2.29
CA ASN A 262 -2.73 -10.92 2.91
C ASN A 262 -2.59 -9.42 2.74
N HIS A 263 -1.84 -8.82 3.67
CA HIS A 263 -1.61 -7.38 3.71
C HIS A 263 -0.81 -6.92 2.51
N ALA A 264 -0.79 -5.60 2.29
CA ALA A 264 -0.17 -5.05 1.09
C ALA A 264 1.34 -5.22 1.09
N SER A 265 1.98 -5.21 2.25
CA SER A 265 3.43 -5.37 2.33
C SER A 265 3.89 -6.78 1.97
N LEU A 266 3.13 -7.79 2.35
CA LEU A 266 3.44 -9.16 1.93
C LEU A 266 3.36 -9.31 0.42
N VAL A 267 2.31 -8.75 -0.17
CA VAL A 267 2.15 -8.79 -1.62
C VAL A 267 3.27 -8.03 -2.32
N LEU A 268 3.69 -6.89 -1.78
CA LEU A 268 4.77 -6.14 -2.41
C LEU A 268 6.10 -6.87 -2.31
N GLY A 269 6.39 -7.49 -1.16
CA GLY A 269 7.58 -8.31 -1.07
C GLY A 269 7.58 -9.49 -2.03
N ALA A 270 6.44 -10.16 -2.17
CA ALA A 270 6.33 -11.24 -3.13
C ALA A 270 6.52 -10.75 -4.57
N ARG A 271 6.04 -9.56 -4.88
CA ARG A 271 6.21 -9.00 -6.21
C ARG A 271 7.65 -8.58 -6.50
N LEU A 272 8.37 -8.17 -5.46
CA LEU A 272 9.76 -7.78 -5.62
C LEU A 272 10.73 -8.94 -5.56
N SER A 273 10.31 -10.11 -5.07
CA SER A 273 11.24 -11.24 -4.98
C SER A 273 11.63 -11.75 -6.36
N GLY A 274 10.68 -11.82 -7.29
CA GLY A 274 10.91 -12.44 -8.58
C GLY A 274 10.43 -13.87 -8.68
N ALA A 275 9.76 -14.42 -7.67
CA ALA A 275 9.24 -15.77 -7.69
C ALA A 275 7.87 -15.82 -8.37
N THR A 276 7.30 -17.01 -8.41
CA THR A 276 5.94 -17.22 -8.92
C THR A 276 4.96 -17.23 -7.76
N ILE A 277 3.80 -16.61 -7.96
CA ILE A 277 2.81 -16.42 -6.90
C ILE A 277 1.51 -17.08 -7.32
N ARG A 278 0.94 -17.90 -6.44
CA ARG A 278 -0.38 -18.49 -6.63
C ARG A 278 -1.19 -18.29 -5.37
N ILE A 279 -2.47 -17.96 -5.52
CA ILE A 279 -3.34 -17.58 -4.42
C ILE A 279 -4.32 -18.71 -4.13
N PHE A 280 -4.51 -19.04 -2.86
CA PHE A 280 -5.53 -19.98 -2.43
C PHE A 280 -6.58 -19.28 -1.58
N LYS A 281 -7.75 -19.92 -1.49
CA LYS A 281 -8.89 -19.31 -0.82
C LYS A 281 -8.68 -19.21 0.68
N HIS A 282 -9.35 -18.22 1.29
CA HIS A 282 -9.12 -17.90 2.70
C HIS A 282 -9.45 -19.05 3.62
N ASN A 283 -8.47 -19.46 4.41
CA ASN A 283 -8.58 -20.55 5.40
C ASN A 283 -9.11 -21.84 4.81
N ASN A 284 -8.96 -22.05 3.51
CA ASN A 284 -9.42 -23.26 2.86
C ASN A 284 -8.24 -24.23 2.79
N MET A 285 -8.28 -25.28 3.61
CA MET A 285 -7.20 -26.26 3.61
C MET A 285 -7.30 -27.23 2.44
N GLN A 286 -8.50 -27.47 1.97
CA GLN A 286 -8.71 -28.35 0.83
C GLN A 286 -8.15 -27.70 -0.43
N SER A 287 -8.15 -26.38 -0.47
CA SER A 287 -7.62 -25.62 -1.59
C SER A 287 -6.10 -25.53 -1.55
N LEU A 288 -5.53 -25.24 -0.38
CA LEU A 288 -4.09 -25.15 -0.25
C LEU A 288 -3.42 -26.48 -0.49
N GLU A 289 -4.01 -27.57 0.01
CA GLU A 289 -3.40 -28.88 -0.24
C GLU A 289 -3.43 -29.26 -1.71
N LYS A 290 -4.53 -28.98 -2.41
CA LYS A 290 -4.57 -29.23 -3.84
C LYS A 290 -3.55 -28.42 -4.60
N LEU A 291 -3.41 -27.14 -4.28
CA LEU A 291 -2.40 -26.29 -4.91
C LEU A 291 -1.00 -26.80 -4.65
N LEU A 292 -0.72 -27.21 -3.41
CA LEU A 292 0.59 -27.69 -3.02
C LEU A 292 0.93 -29.04 -3.63
N LYS A 293 -0.09 -29.83 -3.92
CA LYS A 293 0.10 -31.14 -4.55
C LYS A 293 0.35 -30.96 -6.03
N ASP A 294 -0.42 -30.10 -6.69
CA ASP A 294 -0.20 -29.80 -8.09
C ASP A 294 1.11 -29.09 -8.35
N ALA A 295 1.66 -28.38 -7.37
CA ALA A 295 2.95 -27.73 -7.55
C ALA A 295 4.09 -28.72 -7.69
N ILE A 296 4.05 -29.84 -6.98
CA ILE A 296 5.19 -30.73 -6.93
C ILE A 296 5.22 -31.73 -8.09
N VAL A 297 4.06 -32.14 -8.60
CA VAL A 297 4.07 -33.18 -9.62
C VAL A 297 4.21 -32.63 -11.04
N TYR A 298 3.96 -31.34 -11.26
CA TYR A 298 4.14 -30.76 -12.58
C TYR A 298 5.30 -29.80 -12.69
N GLY A 299 5.86 -29.32 -11.58
CA GLY A 299 7.03 -28.48 -11.64
C GLY A 299 6.76 -27.10 -12.23
N GLN A 300 7.85 -26.45 -12.63
CA GLN A 300 7.78 -25.07 -13.08
C GLN A 300 7.00 -24.94 -14.39
N PRO A 301 6.46 -23.75 -14.68
CA PRO A 301 5.51 -23.62 -15.79
C PRO A 301 5.98 -24.09 -17.16
N ARG A 302 7.06 -23.51 -17.67
CA ARG A 302 7.44 -23.79 -19.05
C ARG A 302 8.49 -24.89 -19.14
N THR A 303 9.62 -24.71 -18.46
CA THR A 303 10.67 -25.72 -18.49
C THR A 303 10.27 -27.01 -17.78
N ARG A 304 9.25 -26.98 -16.94
CA ARG A 304 8.80 -28.19 -16.25
C ARG A 304 9.78 -28.77 -15.23
N ARG A 305 10.80 -27.99 -14.89
CA ARG A 305 11.79 -28.42 -13.92
C ARG A 305 11.22 -28.35 -12.51
N PRO A 306 11.82 -29.11 -11.59
CA PRO A 306 11.37 -29.02 -10.20
C PRO A 306 11.64 -27.64 -9.61
N TRP A 307 10.78 -27.24 -8.68
CA TRP A 307 10.95 -25.98 -7.98
C TRP A 307 12.16 -26.04 -7.06
N LYS A 308 12.80 -24.89 -6.86
CA LYS A 308 13.89 -24.83 -5.89
C LYS A 308 13.37 -24.92 -4.46
N LYS A 309 12.28 -24.25 -4.14
CA LYS A 309 11.69 -24.28 -2.81
C LYS A 309 10.28 -23.70 -2.90
N ILE A 310 9.50 -23.94 -1.86
CA ILE A 310 8.11 -23.46 -1.77
C ILE A 310 7.93 -22.75 -0.44
N LEU A 311 7.30 -21.58 -0.47
CA LEU A 311 7.09 -20.77 0.73
C LEU A 311 5.63 -20.38 0.83
N ILE A 312 5.04 -20.57 2.01
CA ILE A 312 3.63 -20.26 2.28
C ILE A 312 3.60 -19.01 3.14
N LEU A 313 2.75 -18.04 2.76
CA LEU A 313 2.58 -16.80 3.51
C LEU A 313 1.19 -16.76 4.10
N VAL A 314 1.12 -16.61 5.43
CA VAL A 314 -0.15 -16.51 6.15
C VAL A 314 -0.03 -15.40 7.20
N GLU A 315 -1.11 -15.19 7.93
CA GLU A 315 -1.19 -14.22 9.00
C GLU A 315 -1.87 -14.85 10.20
N GLY A 316 -1.61 -14.31 11.38
CA GLY A 316 -2.24 -14.82 12.58
C GLY A 316 -3.68 -14.40 12.76
N ILE A 317 -3.97 -13.12 12.52
CA ILE A 317 -5.32 -12.59 12.51
C ILE A 317 -5.45 -11.69 11.30
N TYR A 318 -6.56 -11.81 10.58
CA TYR A 318 -6.87 -10.93 9.46
C TYR A 318 -7.77 -9.82 10.00
N SER A 319 -7.26 -8.59 10.00
CA SER A 319 -7.87 -7.51 10.77
C SER A 319 -9.23 -7.12 10.20
N MET A 320 -9.30 -6.93 8.88
CA MET A 320 -10.53 -6.48 8.27
C MET A 320 -11.59 -7.57 8.27
N GLU A 321 -11.19 -8.83 8.34
CA GLU A 321 -12.12 -9.95 8.27
C GLU A 321 -12.44 -10.51 9.64
N GLY A 322 -11.55 -10.37 10.61
CA GLY A 322 -11.81 -10.82 11.96
C GLY A 322 -11.54 -12.29 12.22
N SER A 323 -10.79 -12.96 11.37
CA SER A 323 -10.63 -14.40 11.45
C SER A 323 -9.21 -14.78 11.88
N ILE A 324 -9.10 -15.99 12.43
CA ILE A 324 -7.84 -16.55 12.91
C ILE A 324 -7.47 -17.72 12.01
N VAL A 325 -6.18 -17.83 11.68
CA VAL A 325 -5.67 -18.86 10.80
C VAL A 325 -5.82 -20.24 11.45
N ARG A 326 -6.04 -21.26 10.63
CA ARG A 326 -6.08 -22.64 11.11
C ARG A 326 -4.65 -23.17 11.17
N LEU A 327 -3.90 -22.70 12.16
CA LEU A 327 -2.48 -23.00 12.24
C LEU A 327 -2.16 -24.49 12.39
N PRO A 328 -2.86 -25.27 13.23
CA PRO A 328 -2.51 -26.70 13.33
C PRO A 328 -2.56 -27.46 12.02
N GLU A 329 -3.58 -27.20 11.19
CA GLU A 329 -3.66 -27.84 9.88
C GLU A 329 -2.58 -27.36 8.93
N VAL A 330 -2.29 -26.06 8.91
CA VAL A 330 -1.25 -25.55 8.04
C VAL A 330 0.10 -26.14 8.41
N ILE A 331 0.37 -26.28 9.70
CA ILE A 331 1.63 -26.90 10.13
C ILE A 331 1.68 -28.38 9.78
N ALA A 332 0.58 -29.11 9.99
CA ALA A 332 0.55 -30.52 9.60
C ALA A 332 0.67 -30.73 8.11
N LEU A 333 0.28 -29.75 7.31
CA LEU A 333 0.32 -29.87 5.86
C LEU A 333 1.65 -29.43 5.29
N LYS A 334 2.29 -28.45 5.92
CA LYS A 334 3.63 -28.01 5.57
C LYS A 334 4.68 -29.07 5.85
N LYS A 335 4.48 -29.91 6.86
CA LYS A 335 5.44 -30.96 7.19
C LYS A 335 5.44 -32.07 6.16
N LYS A 336 4.26 -32.44 5.67
CA LYS A 336 4.12 -33.58 4.77
C LYS A 336 4.59 -33.29 3.35
N TYR A 337 4.51 -32.03 2.91
CA TYR A 337 4.90 -31.64 1.56
C TYR A 337 6.23 -30.89 1.54
N LYS A 338 6.90 -30.76 2.68
CA LYS A 338 8.24 -30.18 2.78
C LYS A 338 8.30 -28.75 2.28
N ALA A 339 7.37 -27.94 2.76
CA ALA A 339 7.34 -26.52 2.44
C ALA A 339 7.91 -25.72 3.61
N TYR A 340 7.96 -24.40 3.45
CA TYR A 340 8.40 -23.49 4.51
C TYR A 340 7.27 -22.52 4.82
N LEU A 341 7.13 -22.20 6.11
CA LEU A 341 6.04 -21.35 6.60
C LEU A 341 6.57 -20.00 7.03
N TYR A 342 5.90 -18.93 6.60
CA TYR A 342 6.18 -17.56 6.98
C TYR A 342 4.92 -17.02 7.64
N LEU A 343 5.03 -16.62 8.90
CA LEU A 343 3.88 -16.22 9.72
C LEU A 343 3.96 -14.74 10.04
N ASP A 344 2.87 -14.02 9.77
CA ASP A 344 2.83 -12.58 10.01
C ASP A 344 1.88 -12.28 11.16
N GLU A 345 2.46 -12.04 12.33
CA GLU A 345 1.65 -11.74 13.50
C GLU A 345 1.63 -10.28 13.92
N ALA A 346 1.23 -9.38 13.03
CA ALA A 346 1.12 -7.98 13.43
C ALA A 346 -0.04 -7.76 14.40
N HIS A 347 -1.11 -8.54 14.26
CA HIS A 347 -2.31 -8.37 15.08
C HIS A 347 -2.47 -9.44 16.15
N SER A 348 -1.60 -10.44 16.18
CA SER A 348 -1.74 -11.55 17.12
C SER A 348 -0.85 -11.42 18.35
N ILE A 349 0.34 -10.86 18.18
CA ILE A 349 1.31 -10.80 19.28
C ILE A 349 0.78 -9.86 20.35
N GLY A 350 0.75 -10.33 21.59
CA GLY A 350 0.15 -9.60 22.68
C GLY A 350 -1.36 -9.73 22.78
N ALA A 351 -2.06 -9.71 21.65
CA ALA A 351 -3.53 -9.73 21.66
C ALA A 351 -4.09 -11.10 21.97
N LEU A 352 -3.44 -12.16 21.52
CA LEU A 352 -3.90 -13.52 21.71
C LEU A 352 -2.98 -14.27 22.65
N GLY A 353 -3.46 -15.40 23.16
CA GLY A 353 -2.65 -16.25 24.00
C GLY A 353 -2.97 -16.10 25.47
N PRO A 354 -2.84 -17.19 26.22
CA PRO A 354 -3.07 -17.11 27.67
C PRO A 354 -2.11 -16.20 28.40
N THR A 355 -0.93 -15.95 27.83
CA THR A 355 0.05 -15.05 28.42
C THR A 355 0.50 -13.95 27.48
N GLY A 356 -0.03 -13.88 26.27
CA GLY A 356 0.29 -12.83 25.34
C GLY A 356 1.32 -13.15 24.29
N ARG A 357 1.63 -14.42 24.07
CA ARG A 357 2.70 -14.82 23.17
C ARG A 357 2.21 -15.18 21.78
N GLY A 358 1.10 -14.59 21.34
CA GLY A 358 0.69 -14.71 19.96
C GLY A 358 -0.20 -15.90 19.67
N VAL A 359 -0.36 -16.15 18.38
CA VAL A 359 -1.26 -17.19 17.91
C VAL A 359 -0.67 -18.59 18.07
N VAL A 360 0.66 -18.71 18.09
CA VAL A 360 1.29 -20.00 18.30
C VAL A 360 0.96 -20.54 19.69
N GLU A 361 1.04 -19.69 20.71
CA GLU A 361 0.66 -20.07 22.05
C GLU A 361 -0.84 -20.29 22.20
N TYR A 362 -1.64 -19.62 21.38
CA TYR A 362 -3.09 -19.75 21.43
C TYR A 362 -3.54 -21.17 21.10
N PHE A 363 -2.91 -21.80 20.10
CA PHE A 363 -3.24 -23.17 19.74
C PHE A 363 -2.49 -24.20 20.55
N GLY A 364 -1.54 -23.79 21.38
CA GLY A 364 -0.75 -24.72 22.16
C GLY A 364 0.42 -25.33 21.44
N LEU A 365 0.78 -24.81 20.27
CA LEU A 365 1.82 -25.39 19.45
C LEU A 365 3.20 -24.95 19.92
N ASP A 366 4.22 -25.50 19.28
CA ASP A 366 5.64 -25.30 19.52
C ASP A 366 6.20 -24.28 18.55
N PRO A 367 6.80 -23.19 19.03
CA PRO A 367 7.27 -22.13 18.12
C PRO A 367 8.36 -22.55 17.16
N GLU A 368 9.02 -23.68 17.41
CA GLU A 368 10.13 -24.14 16.59
C GLU A 368 9.67 -24.80 15.30
N ASP A 369 8.37 -24.96 15.09
CA ASP A 369 7.82 -25.51 13.86
C ASP A 369 7.58 -24.45 12.79
N VAL A 370 7.83 -23.19 13.09
CA VAL A 370 7.58 -22.08 12.16
C VAL A 370 8.94 -21.54 11.73
N ASP A 371 9.19 -21.52 10.43
CA ASP A 371 10.52 -21.17 9.93
C ASP A 371 10.81 -19.68 10.11
N VAL A 372 9.88 -18.82 9.75
CA VAL A 372 10.02 -17.38 9.92
C VAL A 372 8.81 -16.83 10.66
N MET A 373 9.06 -16.13 11.77
CA MET A 373 8.03 -15.41 12.51
C MET A 373 8.33 -13.93 12.45
N MET A 374 7.35 -13.12 12.06
CA MET A 374 7.55 -11.69 12.19
C MET A 374 6.33 -11.05 12.87
N GLY A 375 6.50 -9.78 13.22
CA GLY A 375 5.43 -9.00 13.82
C GLY A 375 5.84 -7.54 13.82
N THR A 376 4.94 -6.71 14.33
CA THR A 376 5.21 -5.30 14.51
C THR A 376 5.07 -4.94 15.99
N PHE A 377 5.61 -3.77 16.33
CA PHE A 377 5.50 -3.22 17.68
C PHE A 377 4.47 -2.10 17.77
N THR A 378 3.64 -1.93 16.75
CA THR A 378 2.76 -0.78 16.70
C THR A 378 1.37 -1.04 17.27
N LYS A 379 0.90 -2.28 17.25
CA LYS A 379 -0.46 -2.59 17.70
C LYS A 379 -0.70 -2.90 19.18
N SER A 380 0.27 -3.52 19.84
CA SER A 380 0.08 -3.90 21.23
C SER A 380 1.10 -3.30 22.19
N PHE A 381 2.17 -2.69 21.69
CA PHE A 381 3.23 -2.23 22.58
C PHE A 381 3.34 -0.73 22.71
N GLY A 382 2.65 0.03 21.87
CA GLY A 382 2.69 1.48 21.95
C GLY A 382 3.86 2.13 21.25
N ALA A 383 4.58 1.40 20.40
CA ALA A 383 5.79 1.88 19.76
C ALA A 383 5.73 1.65 18.26
N SER A 384 6.87 1.71 17.58
CA SER A 384 6.93 1.46 16.15
C SER A 384 8.10 0.52 15.85
N GLY A 385 7.98 -0.22 14.76
CA GLY A 385 9.03 -1.10 14.28
C GLY A 385 8.51 -2.50 13.99
N GLY A 386 9.45 -3.40 13.69
CA GLY A 386 9.14 -4.77 13.40
C GLY A 386 10.29 -5.68 13.76
N TYR A 387 10.05 -6.99 13.67
CA TYR A 387 11.05 -7.97 14.05
C TYR A 387 10.89 -9.22 13.19
N ILE A 388 11.92 -10.06 13.20
CA ILE A 388 11.89 -11.39 12.61
C ILE A 388 12.56 -12.35 13.59
N GLY A 389 11.95 -13.51 13.78
CA GLY A 389 12.53 -14.53 14.65
C GLY A 389 12.69 -15.86 13.96
N GLY A 390 13.59 -16.70 14.47
CA GLY A 390 13.81 -18.00 13.86
C GLY A 390 15.08 -18.64 14.36
N LYS A 391 15.65 -19.49 13.52
CA LYS A 391 16.88 -20.19 13.86
C LYS A 391 18.07 -19.24 13.76
N LYS A 392 19.16 -19.58 14.45
CA LYS A 392 20.31 -18.70 14.47
C LYS A 392 20.96 -18.55 13.11
N GLU A 393 20.85 -19.54 12.22
CA GLU A 393 21.45 -19.41 10.91
C GLU A 393 20.59 -18.60 9.94
N LEU A 394 19.30 -18.49 10.19
CA LEU A 394 18.47 -17.55 9.45
C LEU A 394 18.81 -16.10 9.77
N ILE A 395 18.98 -15.80 11.06
CA ILE A 395 19.29 -14.44 11.50
C ILE A 395 20.69 -14.00 11.12
N ASP A 396 21.67 -14.90 11.15
CA ASP A 396 22.98 -14.57 10.63
C ASP A 396 22.98 -14.24 9.15
N TYR A 397 22.17 -14.94 8.35
CA TYR A 397 22.07 -14.64 6.95
C TYR A 397 21.32 -13.34 6.69
N LEU A 398 20.28 -13.05 7.48
CA LEU A 398 19.57 -11.80 7.33
C LEU A 398 20.39 -10.60 7.80
N ARG A 399 21.28 -10.78 8.77
CA ARG A 399 22.10 -9.68 9.26
C ARG A 399 23.14 -9.22 8.27
N THR A 400 23.36 -9.95 7.18
CA THR A 400 24.34 -9.57 6.16
C THR A 400 23.76 -9.41 4.78
N HIS A 401 22.48 -9.75 4.56
CA HIS A 401 21.95 -9.78 3.22
C HIS A 401 20.60 -9.10 3.05
N SER A 402 20.04 -8.48 4.09
CA SER A 402 18.77 -7.80 3.96
C SER A 402 18.99 -6.35 3.56
N HIS A 403 18.05 -5.81 2.78
CA HIS A 403 18.19 -4.45 2.28
C HIS A 403 18.20 -3.43 3.41
N SER A 404 17.41 -3.67 4.46
CA SER A 404 17.33 -2.74 5.57
C SER A 404 18.65 -2.63 6.32
N ALA A 405 19.29 -3.76 6.61
CA ALA A 405 20.53 -3.73 7.38
C ALA A 405 21.66 -3.02 6.65
N VAL A 406 21.57 -2.92 5.32
CA VAL A 406 22.63 -2.33 4.53
C VAL A 406 22.35 -0.87 4.18
N TYR A 407 21.12 -0.51 3.87
CA TYR A 407 20.84 0.78 3.27
C TYR A 407 19.91 1.69 4.07
N ALA A 408 19.35 1.22 5.18
CA ALA A 408 18.37 1.99 5.93
C ALA A 408 18.86 2.33 7.32
N THR A 409 18.34 3.43 7.88
CA THR A 409 18.68 3.89 9.21
C THR A 409 18.03 2.99 10.26
N SER A 410 18.69 2.83 11.39
CA SER A 410 18.23 1.92 12.43
C SER A 410 17.24 2.61 13.37
N LEU A 411 16.68 1.83 14.30
CA LEU A 411 15.66 2.32 15.23
C LEU A 411 16.15 3.47 16.09
N SER A 412 15.20 4.31 16.46
CA SER A 412 15.44 5.39 17.40
C SER A 412 15.58 4.83 18.81
N PRO A 413 16.53 5.34 19.60
CA PRO A 413 16.71 4.83 20.98
C PRO A 413 15.50 5.04 21.88
N PRO A 414 14.85 6.21 21.86
CA PRO A 414 13.67 6.37 22.73
C PRO A 414 12.54 5.43 22.40
N VAL A 415 12.38 5.04 21.13
CA VAL A 415 11.37 4.05 20.79
C VAL A 415 11.77 2.66 21.25
N VAL A 416 13.05 2.32 21.19
CA VAL A 416 13.52 1.01 21.62
C VAL A 416 13.28 0.82 23.11
N GLU A 417 13.56 1.86 23.90
CA GLU A 417 13.39 1.73 25.35
C GLU A 417 11.94 1.46 25.74
N GLN A 418 11.00 2.06 25.01
CA GLN A 418 9.60 1.87 25.35
C GLN A 418 9.15 0.45 25.05
N ILE A 419 9.68 -0.15 23.98
CA ILE A 419 9.41 -1.56 23.69
C ILE A 419 9.98 -2.44 24.79
N ILE A 420 11.23 -2.18 25.19
CA ILE A 420 11.84 -2.99 26.24
C ILE A 420 11.01 -2.94 27.50
N THR A 421 10.60 -1.74 27.91
CA THR A 421 9.90 -1.60 29.17
C THR A 421 8.49 -2.19 29.11
N SER A 422 7.80 -2.08 27.98
CA SER A 422 6.47 -2.67 27.88
C SER A 422 6.50 -4.18 27.75
N MET A 423 7.51 -4.74 27.10
CA MET A 423 7.62 -6.20 27.00
C MET A 423 7.99 -6.82 28.35
N LYS A 424 8.84 -6.15 29.13
CA LYS A 424 9.15 -6.62 30.47
C LYS A 424 7.95 -6.61 31.40
N CYS A 425 6.95 -5.77 31.15
CA CYS A 425 5.73 -5.79 31.96
C CYS A 425 4.85 -7.00 31.63
N ILE A 426 4.70 -7.30 30.33
CA ILE A 426 3.90 -8.46 29.94
C ILE A 426 4.53 -9.74 30.45
N MET A 427 5.86 -9.88 30.31
CA MET A 427 6.49 -11.10 30.79
C MET A 427 6.35 -11.22 32.31
N GLY A 428 6.43 -10.12 33.02
CA GLY A 428 6.36 -10.13 34.46
C GLY A 428 7.66 -9.81 35.17
N GLN A 429 8.60 -9.13 34.51
CA GLN A 429 9.88 -8.77 35.09
C GLN A 429 9.87 -7.34 35.63
N ASP A 430 8.71 -6.86 36.08
CA ASP A 430 8.59 -5.54 36.66
C ASP A 430 8.28 -5.57 38.15
N GLY A 431 8.05 -6.73 38.74
CA GLY A 431 7.64 -6.83 40.12
C GLY A 431 6.18 -6.50 40.35
N THR A 432 5.41 -6.30 39.30
CA THR A 432 3.99 -5.96 39.44
C THR A 432 3.12 -7.06 38.84
N SER A 433 1.80 -6.82 38.80
CA SER A 433 0.89 -7.77 38.19
C SER A 433 0.01 -7.11 37.14
N LEU A 434 0.50 -6.01 36.58
CA LEU A 434 -0.24 -5.25 35.57
C LEU A 434 -0.25 -5.90 34.19
N GLY A 435 0.53 -6.96 34.00
CA GLY A 435 0.58 -7.64 32.73
C GLY A 435 -0.47 -8.71 32.58
N LYS A 436 -0.88 -9.30 33.70
CA LYS A 436 -1.90 -10.33 33.69
C LYS A 436 -3.30 -9.73 33.60
N GLU A 437 -3.47 -8.53 34.16
CA GLU A 437 -4.75 -7.86 34.17
C GLU A 437 -5.16 -7.42 32.77
N CYS A 438 -4.24 -6.83 32.02
CA CYS A 438 -4.59 -6.37 30.68
C CYS A 438 -4.92 -7.53 29.75
N VAL A 439 -4.16 -8.62 29.84
CA VAL A 439 -4.42 -9.80 29.02
C VAL A 439 -5.78 -10.40 29.33
N GLN A 440 -6.16 -10.49 30.61
CA GLN A 440 -7.47 -11.02 30.95
C GLN A 440 -8.61 -10.06 30.59
N GLN A 441 -8.41 -8.77 30.81
CA GLN A 441 -9.44 -7.77 30.52
C GLN A 441 -9.75 -7.70 29.04
N LEU A 442 -8.74 -7.84 28.18
CA LEU A 442 -9.02 -7.84 26.75
C LEU A 442 -9.96 -8.97 26.36
N ALA A 443 -9.70 -10.18 26.88
CA ALA A 443 -10.53 -11.33 26.53
C ALA A 443 -11.96 -11.18 27.07
N GLU A 444 -12.09 -10.66 28.28
CA GLU A 444 -13.38 -10.42 28.89
C GLU A 444 -14.19 -9.43 28.07
N ASN A 445 -13.56 -8.33 27.68
CA ASN A 445 -14.21 -7.31 26.85
C ASN A 445 -14.63 -7.86 25.50
N THR A 446 -13.78 -8.64 24.85
CA THR A 446 -14.14 -9.20 23.55
C THR A 446 -15.36 -10.09 23.64
N ARG A 447 -15.36 -11.02 24.60
CA ARG A 447 -16.51 -11.91 24.74
C ARG A 447 -17.79 -11.11 24.99
N TYR A 448 -17.76 -10.19 25.94
CA TYR A 448 -18.96 -9.43 26.28
C TYR A 448 -19.49 -8.63 25.08
N PHE A 449 -18.62 -7.85 24.44
CA PHE A 449 -19.05 -6.97 23.36
C PHE A 449 -19.58 -7.75 22.18
N ARG A 450 -18.83 -8.78 21.77
CA ARG A 450 -19.19 -9.62 20.62
C ARG A 450 -20.51 -10.34 20.83
N ARG A 451 -20.68 -10.90 22.02
CA ARG A 451 -21.92 -11.59 22.37
C ARG A 451 -23.12 -10.66 22.43
N ARG A 452 -22.98 -9.45 22.99
CA ARG A 452 -24.09 -8.52 23.01
C ARG A 452 -24.45 -7.97 21.64
N LEU A 453 -23.46 -7.75 20.76
CA LEU A 453 -23.80 -7.36 19.40
C LEU A 453 -24.54 -8.45 18.65
N LYS A 454 -24.18 -9.71 18.86
CA LYS A 454 -24.81 -10.78 18.08
C LYS A 454 -26.28 -10.98 18.43
N GLU A 455 -26.72 -10.57 19.61
CA GLU A 455 -28.11 -10.79 20.01
C GLU A 455 -28.98 -9.54 19.87
N MET A 456 -28.49 -8.48 19.25
CA MET A 456 -29.35 -7.38 18.84
C MET A 456 -29.79 -7.47 17.39
N GLY A 457 -29.23 -8.38 16.61
CA GLY A 457 -29.66 -8.62 15.24
C GLY A 457 -28.67 -8.23 14.17
N PHE A 458 -27.50 -7.71 14.51
CA PHE A 458 -26.50 -7.34 13.52
C PHE A 458 -25.84 -8.58 12.94
N ILE A 459 -25.21 -8.41 11.78
CA ILE A 459 -24.37 -9.43 11.18
C ILE A 459 -22.91 -9.11 11.51
N ILE A 460 -22.24 -10.07 12.14
CA ILE A 460 -20.85 -9.91 12.59
C ILE A 460 -20.01 -11.01 11.98
N TYR A 461 -18.86 -10.62 11.44
CA TYR A 461 -17.90 -11.58 10.91
C TYR A 461 -16.86 -11.97 11.94
N GLY A 462 -16.28 -13.14 11.76
CA GLY A 462 -15.06 -13.49 12.44
C GLY A 462 -15.19 -14.66 13.40
N ASN A 463 -14.14 -14.81 14.20
CA ASN A 463 -14.03 -15.83 15.22
C ASN A 463 -14.38 -15.23 16.57
N GLU A 464 -14.99 -16.03 17.43
CA GLU A 464 -15.52 -15.52 18.69
C GLU A 464 -14.47 -14.92 19.60
N ASP A 465 -13.20 -15.26 19.42
CA ASP A 465 -12.12 -14.75 20.26
C ASP A 465 -11.37 -13.59 19.64
N SER A 466 -11.74 -13.16 18.45
CA SER A 466 -11.00 -12.13 17.75
C SER A 466 -11.31 -10.75 18.33
N PRO A 467 -10.31 -9.92 18.64
CA PRO A 467 -10.58 -8.59 19.19
C PRO A 467 -10.97 -7.54 18.17
N VAL A 468 -10.91 -7.83 16.87
CA VAL A 468 -11.42 -6.94 15.85
C VAL A 468 -12.81 -7.43 15.46
N VAL A 469 -13.77 -6.51 15.41
CA VAL A 469 -15.17 -6.88 15.19
C VAL A 469 -15.74 -6.18 13.96
N PRO A 470 -15.86 -6.86 12.83
CA PRO A 470 -16.51 -6.24 11.67
C PRO A 470 -18.03 -6.31 11.74
N LEU A 471 -18.70 -5.17 11.55
CA LEU A 471 -20.15 -5.08 11.51
C LEU A 471 -20.58 -4.76 10.08
N MET A 472 -21.42 -5.61 9.50
CA MET A 472 -21.69 -5.55 8.08
C MET A 472 -22.66 -4.42 7.74
N LEU A 473 -22.19 -3.50 6.92
CA LEU A 473 -22.98 -2.45 6.30
C LEU A 473 -22.99 -2.78 4.82
N TYR A 474 -24.13 -2.71 4.16
CA TYR A 474 -24.07 -3.13 2.77
C TYR A 474 -24.24 -1.99 1.77
N MET A 475 -25.12 -1.06 2.06
CA MET A 475 -25.50 -0.08 1.06
C MET A 475 -24.50 1.08 1.07
N PRO A 476 -24.08 1.56 -0.10
CA PRO A 476 -22.99 2.56 -0.13
C PRO A 476 -23.27 3.85 0.62
N ALA A 477 -24.52 4.30 0.70
CA ALA A 477 -24.83 5.51 1.43
C ALA A 477 -24.79 5.32 2.94
N LYS A 478 -25.01 4.09 3.42
CA LYS A 478 -24.90 3.81 4.83
C LYS A 478 -23.46 3.82 5.32
N ILE A 479 -22.50 3.64 4.42
CA ILE A 479 -21.09 3.83 4.77
C ILE A 479 -20.85 5.27 5.23
N GLY A 480 -21.40 6.23 4.51
CA GLY A 480 -21.22 7.62 4.87
C GLY A 480 -22.15 8.10 5.96
N ALA A 481 -23.33 7.49 6.08
CA ALA A 481 -24.23 7.87 7.16
C ALA A 481 -23.82 7.30 8.50
N PHE A 482 -23.28 6.08 8.55
CA PHE A 482 -22.92 5.46 9.82
C PHE A 482 -21.81 6.22 10.52
N GLY A 483 -20.78 6.63 9.77
CA GLY A 483 -19.68 7.36 10.38
C GLY A 483 -20.09 8.72 10.92
N ARG A 484 -20.97 9.42 10.21
CA ARG A 484 -21.47 10.70 10.69
C ARG A 484 -22.37 10.53 11.91
N GLU A 485 -23.28 9.57 11.86
CA GLU A 485 -24.19 9.35 12.98
C GLU A 485 -23.42 8.96 14.23
N MET A 486 -22.42 8.09 14.11
CA MET A 486 -21.68 7.66 15.28
C MET A 486 -20.88 8.79 15.90
N LEU A 487 -20.24 9.63 15.08
CA LEU A 487 -19.52 10.78 15.61
C LEU A 487 -20.45 11.79 16.25
N LYS A 488 -21.70 11.85 15.79
CA LYS A 488 -22.68 12.73 16.41
C LYS A 488 -23.01 12.28 17.84
N ARG A 489 -22.67 11.04 18.18
CA ARG A 489 -22.94 10.51 19.51
C ARG A 489 -21.66 10.30 20.32
N ASN A 490 -20.55 10.84 19.83
CA ASN A 490 -19.27 10.74 20.54
C ASN A 490 -18.56 9.39 20.45
N ILE A 491 -18.67 8.72 19.30
CA ILE A 491 -18.01 7.43 19.10
C ILE A 491 -17.26 7.49 17.78
N GLY A 492 -15.99 7.06 17.79
CA GLY A 492 -15.16 7.07 16.61
C GLY A 492 -14.91 5.69 16.05
N VAL A 493 -15.18 5.49 14.76
CA VAL A 493 -15.12 4.18 14.12
C VAL A 493 -14.42 4.31 12.76
N VAL A 494 -14.17 3.16 12.13
CA VAL A 494 -13.57 3.06 10.81
C VAL A 494 -14.57 2.38 9.88
N VAL A 495 -14.71 2.90 8.66
CA VAL A 495 -15.62 2.35 7.66
C VAL A 495 -14.85 2.15 6.36
N VAL A 496 -15.09 1.04 5.68
CA VAL A 496 -14.43 0.74 4.41
C VAL A 496 -15.43 0.39 3.31
N GLY A 497 -15.21 0.88 2.10
CA GLY A 497 -16.13 0.67 0.99
C GLY A 497 -15.76 -0.29 -0.13
N PHE A 498 -16.51 -0.22 -1.24
CA PHE A 498 -16.33 -1.12 -2.40
C PHE A 498 -14.94 -1.36 -2.95
N PRO A 499 -14.18 -0.32 -3.31
CA PRO A 499 -12.86 -0.66 -3.87
C PRO A 499 -11.95 -1.43 -2.91
N ALA A 500 -12.00 -1.12 -1.62
CA ALA A 500 -11.17 -1.79 -0.63
C ALA A 500 -11.59 -3.21 -0.31
N THR A 501 -12.88 -3.51 -0.43
CA THR A 501 -13.41 -4.84 -0.15
C THR A 501 -14.03 -5.46 -1.40
N PRO A 502 -15.05 -6.30 -1.23
CA PRO A 502 -15.81 -6.81 -2.36
C PRO A 502 -17.03 -5.89 -2.56
N ILE A 503 -17.69 -5.96 -3.70
CA ILE A 503 -18.83 -5.07 -3.95
C ILE A 503 -20.01 -5.08 -2.96
N ILE A 504 -20.36 -6.24 -2.43
CA ILE A 504 -21.51 -6.33 -1.52
C ILE A 504 -21.07 -6.64 -0.10
N GLU A 505 -19.91 -6.11 0.31
CA GLU A 505 -19.35 -6.49 1.61
C GLU A 505 -18.70 -5.30 2.30
N SER A 506 -19.33 -4.14 2.26
CA SER A 506 -18.85 -3.01 3.05
C SER A 506 -19.08 -3.28 4.53
N ARG A 507 -18.42 -2.52 5.39
CA ARG A 507 -18.50 -2.82 6.82
C ARG A 507 -17.94 -1.66 7.62
N ALA A 508 -18.11 -1.77 8.94
CA ALA A 508 -17.41 -0.95 9.91
C ALA A 508 -16.57 -1.88 10.79
N ARG A 509 -15.48 -1.36 11.32
CA ARG A 509 -14.58 -2.15 12.15
C ARG A 509 -14.47 -1.55 13.53
N PHE A 510 -14.55 -2.40 14.55
CA PHE A 510 -14.41 -2.01 15.95
C PHE A 510 -13.17 -2.68 16.51
N CYS A 511 -12.34 -1.90 17.20
CA CYS A 511 -11.13 -2.41 17.84
C CYS A 511 -11.29 -2.30 19.35
N LEU A 512 -11.32 -3.45 20.02
CA LEU A 512 -11.48 -3.47 21.46
C LEU A 512 -10.12 -3.41 22.14
N SER A 513 -10.09 -2.79 23.31
CA SER A 513 -8.86 -2.56 24.05
C SER A 513 -9.05 -2.98 25.49
N ALA A 514 -7.94 -3.30 26.16
CA ALA A 514 -7.98 -3.64 27.57
C ALA A 514 -8.25 -2.42 28.45
N ALA A 515 -8.08 -1.21 27.91
CA ALA A 515 -8.34 0.03 28.63
C ALA A 515 -9.80 0.46 28.59
N HIS A 516 -10.65 -0.28 27.89
CA HIS A 516 -12.08 0.00 27.89
C HIS A 516 -12.72 -0.62 29.12
N THR A 517 -13.39 0.20 29.93
CA THR A 517 -14.11 -0.29 31.09
C THR A 517 -15.46 -0.86 30.65
N LYS A 518 -16.25 -1.26 31.64
CA LYS A 518 -17.58 -1.84 31.40
C LYS A 518 -18.64 -0.80 31.13
N GLU A 519 -18.52 0.37 31.74
CA GLU A 519 -19.46 1.45 31.50
C GLU A 519 -19.22 2.14 30.16
N ILE A 520 -17.96 2.23 29.71
CA ILE A 520 -17.68 2.71 28.37
C ILE A 520 -18.27 1.78 27.31
N LEU A 521 -18.10 0.47 27.47
CA LEU A 521 -18.70 -0.47 26.55
C LEU A 521 -20.22 -0.46 26.61
N ASP A 522 -20.80 -0.28 27.79
CA ASP A 522 -22.24 -0.14 27.88
C ASP A 522 -22.76 1.07 27.13
N THR A 523 -22.09 2.21 27.27
CA THR A 523 -22.46 3.40 26.51
C THR A 523 -22.35 3.20 25.01
N ALA A 524 -21.23 2.63 24.54
CA ALA A 524 -21.08 2.37 23.12
C ALA A 524 -22.13 1.41 22.58
N LEU A 525 -22.42 0.33 23.31
CA LEU A 525 -23.45 -0.60 22.88
C LEU A 525 -24.82 0.04 22.83
N LYS A 526 -25.12 0.89 23.81
CA LYS A 526 -26.39 1.59 23.88
C LYS A 526 -26.58 2.48 22.66
N GLU A 527 -25.53 3.19 22.25
CA GLU A 527 -25.64 4.04 21.08
C GLU A 527 -25.65 3.25 19.76
N ILE A 528 -24.91 2.15 19.68
CA ILE A 528 -24.97 1.33 18.48
C ILE A 528 -26.37 0.79 18.29
N ASP A 529 -27.05 0.42 19.38
CA ASP A 529 -28.40 -0.10 19.26
C ASP A 529 -29.37 0.92 18.67
N GLU A 530 -29.21 2.18 19.06
CA GLU A 530 -30.05 3.26 18.57
C GLU A 530 -29.80 3.53 17.10
N VAL A 531 -28.53 3.65 16.72
CA VAL A 531 -28.19 3.91 15.32
C VAL A 531 -28.60 2.75 14.41
N GLY A 532 -28.57 1.51 14.92
CA GLY A 532 -29.01 0.38 14.11
C GLY A 532 -30.49 0.34 13.83
N ASP A 533 -31.31 0.95 14.69
CA ASP A 533 -32.72 1.16 14.36
C ASP A 533 -32.90 2.35 13.42
N LEU A 534 -32.13 3.41 13.61
CA LEU A 534 -32.22 4.57 12.73
C LEU A 534 -31.88 4.21 11.28
N LEU A 535 -30.85 3.40 11.06
CA LEU A 535 -30.40 3.11 9.70
C LEU A 535 -30.80 1.72 9.22
N GLN A 536 -31.44 0.91 10.04
CA GLN A 536 -31.93 -0.43 9.67
C GLN A 536 -30.78 -1.36 9.24
N LEU A 537 -29.90 -1.64 10.19
CA LEU A 537 -28.73 -2.48 9.95
C LEU A 537 -28.85 -3.85 10.57
N LYS A 538 -30.03 -4.21 11.09
CA LYS A 538 -30.21 -5.51 11.73
C LYS A 538 -30.66 -6.53 10.67
N TYR A 539 -29.67 -7.01 9.93
CA TYR A 539 -29.93 -7.85 8.75
C TYR A 539 -29.99 -9.33 9.06
N SER A 540 -29.65 -9.76 10.28
CA SER A 540 -29.44 -11.17 10.53
C SER A 540 -30.74 -11.96 10.43
N ARG A 541 -30.68 -13.07 9.71
CA ARG A 541 -31.82 -13.96 9.51
C ARG A 541 -31.81 -15.06 10.56
N HIS A 542 -30.68 -15.73 10.71
CA HIS A 542 -30.56 -16.81 11.70
C HIS A 542 -30.07 -16.25 13.03
N ARG A 543 -30.85 -15.33 13.59
CA ARG A 543 -30.50 -14.70 14.86
C ARG A 543 -30.60 -15.68 16.02
N TRP B 8 -57.72 -9.08 -26.80
CA TRP B 8 -57.21 -10.43 -26.97
C TRP B 8 -56.43 -10.58 -28.28
N VAL B 9 -55.11 -10.36 -28.21
CA VAL B 9 -54.26 -10.55 -29.38
C VAL B 9 -53.10 -11.49 -29.04
N LEU B 10 -53.31 -12.78 -29.28
CA LEU B 10 -52.28 -13.79 -29.08
C LEU B 10 -52.21 -14.74 -30.28
N VAL B 11 -53.37 -15.04 -30.86
CA VAL B 11 -53.45 -16.08 -31.88
C VAL B 11 -52.91 -15.55 -33.21
N GLU B 12 -52.96 -14.24 -33.41
CA GLU B 12 -52.43 -13.65 -34.63
C GLU B 12 -50.93 -13.87 -34.73
N MET B 13 -50.22 -13.76 -33.61
CA MET B 13 -48.78 -13.96 -33.60
C MET B 13 -48.43 -15.43 -33.88
N VAL B 14 -49.21 -16.35 -33.33
CA VAL B 14 -49.00 -17.77 -33.62
C VAL B 14 -49.29 -18.05 -35.08
N GLN B 15 -50.28 -17.37 -35.66
CA GLN B 15 -50.56 -17.50 -37.08
C GLN B 15 -49.42 -16.94 -37.93
N ALA B 16 -48.78 -15.86 -37.46
CA ALA B 16 -47.63 -15.32 -38.16
C ALA B 16 -46.42 -16.24 -38.05
N LEU B 17 -46.33 -17.00 -36.95
CA LEU B 17 -45.24 -17.97 -36.80
C LEU B 17 -45.26 -18.98 -37.95
N TYR B 18 -46.43 -19.55 -38.24
CA TYR B 18 -46.51 -20.53 -39.31
C TYR B 18 -46.19 -19.90 -40.66
N GLU B 19 -46.66 -18.67 -40.90
CA GLU B 19 -46.38 -17.96 -42.13
C GLU B 19 -45.05 -17.20 -42.10
N ALA B 20 -44.30 -17.32 -41.01
CA ALA B 20 -43.00 -16.67 -40.94
C ALA B 20 -42.09 -17.23 -42.03
N PRO B 21 -41.29 -16.40 -42.68
CA PRO B 21 -40.49 -16.87 -43.82
C PRO B 21 -39.47 -17.90 -43.38
N ALA B 22 -39.06 -18.75 -44.32
CA ALA B 22 -38.11 -19.81 -44.00
C ALA B 22 -36.77 -19.25 -43.54
N TYR B 23 -36.31 -18.15 -44.14
CA TYR B 23 -35.02 -17.58 -43.75
C TYR B 23 -35.06 -16.95 -42.37
N HIS B 24 -36.25 -16.72 -41.81
CA HIS B 24 -36.34 -16.24 -40.43
C HIS B 24 -36.35 -17.37 -39.41
N LEU B 25 -36.55 -18.61 -39.83
CA LEU B 25 -36.47 -19.76 -38.93
C LEU B 25 -35.19 -20.56 -39.08
N ILE B 26 -34.57 -20.54 -40.25
CA ILE B 26 -33.26 -21.17 -40.37
C ILE B 26 -32.26 -20.51 -39.44
N LEU B 27 -32.28 -19.18 -39.38
CA LEU B 27 -31.38 -18.45 -38.48
C LEU B 27 -31.68 -18.76 -37.02
N GLU B 28 -32.95 -18.84 -36.65
CA GLU B 28 -33.30 -19.14 -35.27
C GLU B 28 -32.86 -20.55 -34.89
N GLY B 29 -33.04 -21.53 -35.78
CA GLY B 29 -32.51 -22.85 -35.54
C GLY B 29 -31.00 -22.90 -35.42
N ILE B 30 -30.29 -22.16 -36.27
CA ILE B 30 -28.84 -22.06 -36.15
C ILE B 30 -28.41 -21.46 -34.82
N LEU B 31 -29.11 -20.43 -34.34
CA LEU B 31 -28.82 -19.85 -33.04
C LEU B 31 -29.09 -20.79 -31.88
N ILE B 32 -30.16 -21.59 -31.96
CA ILE B 32 -30.37 -22.64 -30.97
C ILE B 32 -29.23 -23.64 -30.99
N LEU B 33 -28.80 -24.08 -32.18
CA LEU B 33 -27.65 -24.98 -32.24
C LEU B 33 -26.35 -24.37 -31.76
N TRP B 34 -26.27 -23.04 -31.66
CA TRP B 34 -25.12 -22.42 -31.04
C TRP B 34 -25.23 -22.32 -29.53
N ILE B 35 -26.44 -22.13 -29.01
CA ILE B 35 -26.60 -22.11 -27.55
C ILE B 35 -26.19 -23.44 -26.95
N ILE B 36 -26.59 -24.55 -27.56
CA ILE B 36 -26.28 -25.86 -27.03
C ILE B 36 -24.79 -26.12 -27.05
N ARG B 37 -24.12 -25.76 -28.15
CA ARG B 37 -22.67 -25.89 -28.21
C ARG B 37 -21.99 -25.04 -27.16
N LEU B 38 -22.57 -23.88 -26.87
CA LEU B 38 -22.02 -22.99 -25.88
C LEU B 38 -22.13 -23.56 -24.48
N LEU B 39 -23.26 -24.18 -24.16
CA LEU B 39 -23.46 -24.73 -22.82
C LEU B 39 -22.61 -25.97 -22.54
N PHE B 40 -21.93 -26.54 -23.54
CA PHE B 40 -21.10 -27.70 -23.32
C PHE B 40 -19.62 -27.41 -23.51
N SER B 41 -19.25 -26.18 -23.82
CA SER B 41 -17.84 -25.85 -23.97
C SER B 41 -17.20 -25.88 -22.59
N LYS B 42 -15.91 -26.22 -22.52
CA LYS B 42 -15.21 -26.24 -21.23
C LYS B 42 -14.59 -24.88 -20.93
N THR B 43 -13.81 -24.77 -19.86
CA THR B 43 -13.21 -23.49 -19.49
C THR B 43 -12.08 -23.03 -20.42
N TYR B 44 -10.86 -23.51 -20.16
CA TYR B 44 -9.65 -23.21 -20.97
C TYR B 44 -9.10 -21.78 -21.07
N LYS B 45 -8.00 -21.50 -20.38
CA LYS B 45 -7.40 -20.18 -20.44
C LYS B 45 -6.90 -19.97 -21.86
N LEU B 46 -7.10 -18.76 -22.39
CA LEU B 46 -6.73 -18.35 -23.76
C LEU B 46 -5.57 -19.06 -24.46
N GLN B 47 -4.36 -18.79 -24.00
CA GLN B 47 -3.17 -19.38 -24.60
C GLN B 47 -1.94 -18.75 -23.96
N GLU B 48 -0.77 -19.26 -24.39
CA GLU B 48 0.51 -18.72 -23.97
C GLU B 48 1.62 -19.22 -24.89
N MET C 1 -12.00 1.98 -0.52
CA MET C 1 -11.07 3.05 -0.81
C MET C 1 -9.93 2.50 -1.61
N ASN C 2 -8.84 2.22 -0.92
CA ASN C 2 -7.62 1.75 -1.57
C ASN C 2 -7.73 0.25 -1.85
N VAL C 3 -7.39 -0.15 -3.08
CA VAL C 3 -7.33 -1.56 -3.43
C VAL C 3 -6.27 -2.23 -2.56
N GLY C 4 -6.63 -3.39 -1.99
CA GLY C 4 -5.71 -4.15 -1.18
C GLY C 4 -5.90 -4.01 0.31
N THR C 5 -6.90 -3.26 0.75
CA THR C 5 -7.12 -3.04 2.18
C THR C 5 -7.77 -4.25 2.83
N ALA C 6 -8.91 -4.69 2.31
CA ALA C 6 -9.63 -5.82 2.88
C ALA C 6 -9.52 -7.09 2.05
N HIS C 7 -9.30 -6.97 0.75
CA HIS C 7 -9.07 -8.12 -0.12
C HIS C 7 -7.77 -7.91 -0.87
N SER C 8 -7.15 -9.01 -1.29
CA SER C 8 -5.86 -8.97 -1.97
C SER C 8 -5.97 -9.08 -3.48
N GLU C 9 -7.16 -8.97 -4.05
CA GLU C 9 -7.33 -8.97 -5.50
C GLU C 9 -6.71 -7.73 -6.10
N VAL C 10 -5.83 -7.92 -7.10
CA VAL C 10 -5.10 -6.79 -7.65
C VAL C 10 -5.98 -6.00 -8.62
N ASN C 11 -6.93 -6.66 -9.28
CA ASN C 11 -7.88 -5.98 -10.17
C ASN C 11 -9.30 -6.39 -9.76
N PRO C 12 -9.96 -5.60 -8.91
CA PRO C 12 -11.31 -5.94 -8.47
C PRO C 12 -12.37 -5.82 -9.56
N ASN C 13 -12.02 -5.35 -10.75
CA ASN C 13 -12.91 -5.29 -11.88
C ASN C 13 -13.16 -6.65 -12.51
N THR C 14 -12.32 -7.64 -12.22
CA THR C 14 -12.39 -8.95 -12.86
C THR C 14 -13.38 -9.89 -12.19
N ARG C 15 -13.91 -9.53 -11.03
CA ARG C 15 -14.77 -10.42 -10.28
C ARG C 15 -16.17 -9.86 -10.03
N VAL C 16 -16.50 -8.71 -10.61
CA VAL C 16 -17.79 -8.08 -10.33
C VAL C 16 -18.94 -8.93 -10.84
N MET C 17 -18.82 -9.47 -12.05
CA MET C 17 -19.93 -10.19 -12.68
C MET C 17 -20.16 -11.57 -12.09
N ASN C 18 -19.40 -11.96 -11.06
CA ASN C 18 -19.62 -13.22 -10.36
C ASN C 18 -20.19 -13.03 -8.97
N SER C 19 -20.60 -11.81 -8.62
CA SER C 19 -21.02 -11.54 -7.27
C SER C 19 -22.45 -12.00 -7.04
N ARG C 20 -22.81 -12.15 -5.77
CA ARG C 20 -24.13 -12.64 -5.38
C ARG C 20 -25.19 -11.58 -5.69
N GLY C 21 -26.24 -11.99 -6.39
CA GLY C 21 -27.37 -11.14 -6.69
C GLY C 21 -27.25 -10.31 -7.95
N ILE C 22 -26.21 -10.49 -8.75
CA ILE C 22 -26.01 -9.61 -9.90
C ILE C 22 -26.66 -10.16 -11.18
N TRP C 23 -26.82 -11.48 -11.31
CA TRP C 23 -27.58 -12.02 -12.42
C TRP C 23 -29.06 -11.69 -12.33
N LEU C 24 -29.61 -11.61 -11.12
CA LEU C 24 -30.98 -11.21 -10.93
C LEU C 24 -31.17 -9.70 -11.11
N SER C 25 -30.22 -8.91 -10.63
CA SER C 25 -30.25 -7.48 -10.83
C SER C 25 -30.12 -7.09 -12.30
N TYR C 26 -29.38 -7.86 -13.08
CA TYR C 26 -29.24 -7.57 -14.50
C TYR C 26 -30.52 -7.87 -15.28
N VAL C 27 -31.30 -8.86 -14.86
CA VAL C 27 -32.56 -9.16 -15.51
C VAL C 27 -33.67 -8.21 -15.09
N LEU C 28 -33.68 -7.81 -13.82
CA LEU C 28 -34.66 -6.81 -13.38
C LEU C 28 -34.46 -5.47 -14.05
N ALA C 29 -33.25 -5.11 -14.46
CA ALA C 29 -33.02 -3.88 -15.20
C ALA C 29 -33.61 -3.92 -16.61
N ILE C 30 -33.51 -5.05 -17.31
CA ILE C 30 -34.21 -5.23 -18.57
C ILE C 30 -35.71 -5.13 -18.37
N GLY C 31 -36.23 -5.77 -17.32
CA GLY C 31 -37.65 -5.65 -17.03
C GLY C 31 -38.10 -4.21 -16.79
N LEU C 32 -37.31 -3.45 -16.04
CA LEU C 32 -37.65 -2.06 -15.77
C LEU C 32 -37.59 -1.20 -17.03
N LEU C 33 -36.59 -1.41 -17.87
CA LEU C 33 -36.53 -0.70 -19.15
C LEU C 33 -37.76 -1.00 -20.00
N HIS C 34 -38.16 -2.27 -20.07
CA HIS C 34 -39.36 -2.62 -20.82
C HIS C 34 -40.62 -1.99 -20.26
N ILE C 35 -40.79 -2.00 -18.93
CA ILE C 35 -41.97 -1.36 -18.34
C ILE C 35 -41.98 0.14 -18.58
N VAL C 36 -40.83 0.81 -18.49
CA VAL C 36 -40.78 2.23 -18.77
C VAL C 36 -41.09 2.56 -20.23
N LEU C 37 -40.57 1.79 -21.18
CA LEU C 37 -40.93 1.98 -22.58
C LEU C 37 -42.40 1.68 -22.87
N LEU C 38 -42.97 0.68 -22.20
CA LEU C 38 -44.37 0.31 -22.42
C LEU C 38 -45.34 1.42 -22.04
N SER C 39 -44.90 2.41 -21.27
CA SER C 39 -45.80 3.45 -20.77
C SER C 39 -45.94 4.63 -21.73
N ILE C 40 -45.19 4.67 -22.82
CA ILE C 40 -45.33 5.75 -23.80
C ILE C 40 -46.69 5.57 -24.49
N PRO C 41 -47.53 6.60 -24.54
CA PRO C 41 -48.88 6.38 -25.09
C PRO C 41 -48.93 6.32 -26.60
N PHE C 42 -48.08 7.06 -27.29
CA PHE C 42 -48.12 7.12 -28.75
C PHE C 42 -47.20 6.09 -29.40
N VAL C 43 -47.32 4.83 -29.00
CA VAL C 43 -46.41 3.81 -29.51
C VAL C 43 -47.12 2.46 -29.45
N SER C 44 -46.80 1.59 -30.40
CA SER C 44 -47.37 0.25 -30.45
C SER C 44 -46.43 -0.76 -29.79
N VAL C 45 -46.95 -1.96 -29.56
CA VAL C 45 -46.21 -3.03 -28.89
C VAL C 45 -44.98 -3.47 -29.68
N PRO C 46 -45.06 -3.71 -31.00
CA PRO C 46 -43.85 -4.07 -31.75
C PRO C 46 -42.74 -3.03 -31.68
N VAL C 47 -43.09 -1.75 -31.69
CA VAL C 47 -42.05 -0.72 -31.60
C VAL C 47 -41.44 -0.73 -30.21
N VAL C 48 -42.24 -0.98 -29.17
CA VAL C 48 -41.73 -1.08 -27.82
C VAL C 48 -40.71 -2.21 -27.72
N TRP C 49 -41.04 -3.36 -28.30
CA TRP C 49 -40.14 -4.50 -28.24
C TRP C 49 -38.89 -4.33 -29.10
N THR C 50 -38.97 -3.61 -30.21
CA THR C 50 -37.76 -3.30 -30.97
C THR C 50 -36.87 -2.30 -30.23
N LEU C 51 -37.46 -1.29 -29.60
CA LEU C 51 -36.69 -0.33 -28.81
C LEU C 51 -36.00 -1.01 -27.63
N THR C 52 -36.69 -1.91 -26.94
CA THR C 52 -36.07 -2.62 -25.83
C THR C 52 -34.79 -3.33 -26.27
N ASN C 53 -34.88 -4.09 -27.37
CA ASN C 53 -33.76 -4.84 -27.89
C ASN C 53 -32.61 -3.94 -28.32
N LEU C 54 -32.91 -2.89 -29.10
CA LEU C 54 -31.84 -2.02 -29.58
C LEU C 54 -31.16 -1.27 -28.45
N ILE C 55 -31.91 -0.72 -27.49
CA ILE C 55 -31.29 -0.02 -26.38
C ILE C 55 -30.47 -0.95 -25.49
N HIS C 56 -30.99 -2.15 -25.19
CA HIS C 56 -30.20 -3.07 -24.38
C HIS C 56 -28.90 -3.44 -25.07
N ASN C 57 -28.94 -3.76 -26.37
CA ASN C 57 -27.72 -4.12 -27.06
C ASN C 57 -26.74 -2.97 -27.18
N MET C 58 -27.25 -1.77 -27.36
CA MET C 58 -26.41 -0.58 -27.47
C MET C 58 -25.67 -0.31 -26.17
N GLY C 59 -26.40 -0.28 -25.06
CA GLY C 59 -25.79 -0.07 -23.77
C GLY C 59 -24.81 -1.16 -23.41
N MET C 60 -25.15 -2.40 -23.74
CA MET C 60 -24.28 -3.54 -23.48
C MET C 60 -22.99 -3.43 -24.27
N TYR C 61 -23.07 -3.06 -25.54
CA TYR C 61 -21.89 -2.86 -26.35
C TYR C 61 -21.00 -1.77 -25.79
N ILE C 62 -21.55 -0.63 -25.39
CA ILE C 62 -20.72 0.44 -24.81
C ILE C 62 -20.05 -0.01 -23.52
N PHE C 63 -20.79 -0.65 -22.62
CA PHE C 63 -20.21 -0.97 -21.31
C PHE C 63 -19.27 -2.16 -21.33
N LEU C 64 -19.47 -3.13 -22.24
CA LEU C 64 -18.64 -4.31 -22.25
C LEU C 64 -17.57 -4.33 -23.32
N HIS C 65 -17.71 -3.55 -24.40
CA HIS C 65 -16.82 -3.68 -25.54
C HIS C 65 -16.25 -2.38 -26.04
N THR C 66 -16.41 -1.27 -25.32
CA THR C 66 -15.87 0.01 -25.75
C THR C 66 -15.00 0.67 -24.71
N VAL C 67 -15.45 0.78 -23.46
CA VAL C 67 -14.71 1.46 -22.41
C VAL C 67 -13.60 0.55 -21.93
N LYS C 68 -12.37 1.05 -21.90
CA LYS C 68 -11.23 0.24 -21.54
C LYS C 68 -10.45 0.86 -20.38
N GLY C 69 -9.90 0.01 -19.54
CA GLY C 69 -9.25 0.39 -18.30
C GLY C 69 -10.09 0.05 -17.08
N THR C 70 -9.72 0.67 -15.96
CA THR C 70 -10.43 0.53 -14.70
C THR C 70 -10.75 1.92 -14.18
N PRO C 71 -11.84 2.07 -13.42
CA PRO C 71 -12.22 3.38 -12.86
C PRO C 71 -11.51 3.73 -11.56
N PHE C 72 -10.46 3.01 -11.24
CA PHE C 72 -9.68 3.22 -10.02
C PHE C 72 -8.25 2.81 -10.26
N GLU C 73 -7.39 3.09 -9.29
CA GLU C 73 -5.97 2.79 -9.38
C GLU C 73 -5.70 1.43 -8.75
N THR C 74 -5.06 0.55 -9.49
CA THR C 74 -4.73 -0.79 -9.06
C THR C 74 -3.22 -0.95 -8.90
N PRO C 75 -2.77 -1.88 -8.06
CA PRO C 75 -1.34 -2.07 -7.86
C PRO C 75 -0.64 -2.97 -8.87
N ASP C 76 -1.23 -3.27 -10.03
CA ASP C 76 -0.53 -3.97 -11.09
C ASP C 76 0.09 -3.03 -12.10
N GLN C 77 0.10 -1.73 -11.82
CA GLN C 77 0.82 -0.73 -12.61
C GLN C 77 0.23 -0.56 -14.01
N GLY C 78 -1.10 -0.61 -14.12
CA GLY C 78 -1.76 -0.37 -15.38
C GLY C 78 -1.64 -1.49 -16.39
N LYS C 79 -1.67 -2.73 -15.93
CA LYS C 79 -1.58 -3.86 -16.85
C LYS C 79 -2.80 -3.94 -17.77
N ALA C 80 -3.99 -3.68 -17.23
CA ALA C 80 -5.24 -3.80 -17.97
C ALA C 80 -5.71 -2.47 -18.53
N ARG C 81 -4.78 -1.60 -18.88
CA ARG C 81 -5.13 -0.24 -19.28
C ARG C 81 -5.62 -0.15 -20.72
N LEU C 82 -5.36 -1.16 -21.53
CA LEU C 82 -5.77 -1.17 -22.93
C LEU C 82 -6.79 -2.24 -23.25
N LEU C 83 -7.42 -2.84 -22.25
CA LEU C 83 -8.38 -3.90 -22.44
C LEU C 83 -9.78 -3.43 -22.06
N THR C 84 -10.78 -3.94 -22.77
CA THR C 84 -12.16 -3.67 -22.44
C THR C 84 -12.60 -4.55 -21.28
N HIS C 85 -13.80 -4.27 -20.76
CA HIS C 85 -14.27 -5.00 -19.59
C HIS C 85 -14.48 -6.46 -19.90
N TRP C 86 -14.95 -6.77 -21.10
CA TRP C 86 -15.13 -8.16 -21.51
C TRP C 86 -13.81 -8.91 -21.49
N GLU C 87 -12.73 -8.25 -21.90
CA GLU C 87 -11.43 -8.91 -21.99
C GLU C 87 -10.79 -9.15 -20.63
N GLN C 88 -11.13 -8.36 -19.61
CA GLN C 88 -10.57 -8.56 -18.29
C GLN C 88 -11.36 -9.53 -17.42
N MET C 89 -12.49 -10.04 -17.89
CA MET C 89 -13.33 -10.89 -17.06
C MET C 89 -12.64 -12.22 -16.79
N ASP C 90 -12.47 -12.54 -15.51
CA ASP C 90 -11.85 -13.78 -15.06
C ASP C 90 -10.42 -13.91 -15.58
N TYR C 91 -9.76 -12.77 -15.77
CA TYR C 91 -8.38 -12.72 -16.24
C TYR C 91 -8.21 -13.42 -17.59
N GLY C 92 -9.22 -13.29 -18.45
CA GLY C 92 -9.13 -13.78 -19.81
C GLY C 92 -9.54 -15.23 -20.02
N VAL C 93 -9.89 -15.95 -18.96
CA VAL C 93 -10.33 -17.33 -19.10
C VAL C 93 -11.65 -17.38 -19.83
N GLN C 94 -11.76 -18.26 -20.82
CA GLN C 94 -12.92 -18.30 -21.69
C GLN C 94 -13.94 -19.33 -21.21
N PHE C 95 -15.21 -19.06 -21.55
CA PHE C 95 -16.33 -19.97 -21.31
C PHE C 95 -16.55 -20.26 -19.82
N THR C 96 -16.49 -19.21 -19.01
CA THR C 96 -16.91 -19.34 -17.62
C THR C 96 -18.43 -19.19 -17.54
N ALA C 97 -18.97 -19.25 -16.33
CA ALA C 97 -20.42 -19.17 -16.17
C ALA C 97 -20.95 -17.81 -16.56
N SER C 98 -20.24 -16.73 -16.20
CA SER C 98 -20.71 -15.38 -16.49
C SER C 98 -20.62 -15.06 -17.96
N ARG C 99 -19.56 -15.51 -18.64
CA ARG C 99 -19.45 -15.33 -20.08
C ARG C 99 -20.49 -16.13 -20.84
N LYS C 100 -20.98 -17.23 -20.29
CA LYS C 100 -22.09 -17.96 -20.86
C LYS C 100 -23.42 -17.27 -20.63
N PHE C 101 -23.65 -16.75 -19.43
CA PHE C 101 -24.87 -16.01 -19.13
C PHE C 101 -25.02 -14.78 -20.01
N LEU C 102 -23.95 -13.99 -20.14
CA LEU C 102 -23.97 -12.76 -20.92
C LEU C 102 -24.03 -13.01 -22.42
N THR C 103 -23.64 -14.20 -22.87
CA THR C 103 -23.78 -14.58 -24.27
C THR C 103 -25.14 -15.12 -24.60
N ILE C 104 -25.78 -15.84 -23.67
CA ILE C 104 -27.10 -16.38 -23.95
C ILE C 104 -28.22 -15.35 -23.79
N THR C 105 -28.05 -14.36 -22.91
CA THR C 105 -29.15 -13.41 -22.68
C THR C 105 -29.60 -12.66 -23.93
N PRO C 106 -28.72 -12.07 -24.75
CA PRO C 106 -29.21 -11.39 -25.97
C PRO C 106 -29.97 -12.30 -26.92
N ILE C 107 -29.58 -13.56 -27.05
CA ILE C 107 -30.29 -14.46 -27.95
C ILE C 107 -31.71 -14.71 -27.48
N VAL C 108 -31.89 -14.93 -26.18
CA VAL C 108 -33.23 -15.08 -25.62
C VAL C 108 -34.07 -13.84 -25.81
N LEU C 109 -33.50 -12.66 -25.60
CA LEU C 109 -34.26 -11.43 -25.85
C LEU C 109 -34.63 -11.25 -27.32
N TYR C 110 -33.74 -11.62 -28.25
CA TYR C 110 -34.04 -11.61 -29.68
C TYR C 110 -35.16 -12.59 -30.06
N PHE C 111 -35.19 -13.77 -29.45
CA PHE C 111 -36.29 -14.71 -29.71
C PHE C 111 -37.66 -14.15 -29.34
N LEU C 112 -37.75 -13.44 -28.21
CA LEU C 112 -39.00 -12.81 -27.82
C LEU C 112 -39.35 -11.63 -28.72
N THR C 113 -38.34 -10.83 -29.09
CA THR C 113 -38.60 -9.70 -29.97
C THR C 113 -39.08 -10.13 -31.34
N SER C 114 -38.59 -11.25 -31.88
CA SER C 114 -39.09 -11.76 -33.14
C SER C 114 -40.55 -12.19 -33.05
N PHE C 115 -40.93 -12.86 -31.97
CA PHE C 115 -42.30 -13.32 -31.80
C PHE C 115 -43.28 -12.18 -31.58
N TYR C 116 -42.89 -11.13 -30.86
CA TYR C 116 -43.83 -10.04 -30.59
C TYR C 116 -43.88 -9.02 -31.72
N THR C 117 -43.13 -9.24 -32.79
CA THR C 117 -43.13 -8.38 -33.97
C THR C 117 -43.89 -9.01 -35.13
N LYS C 118 -44.31 -10.27 -35.00
CA LYS C 118 -44.94 -11.03 -36.08
C LYS C 118 -43.98 -11.24 -37.24
N TYR C 119 -42.69 -11.32 -36.92
CA TYR C 119 -41.65 -11.64 -37.89
C TYR C 119 -41.67 -10.70 -39.08
N ASP C 120 -41.84 -9.42 -38.78
CA ASP C 120 -41.92 -8.39 -39.82
C ASP C 120 -40.61 -8.31 -40.59
N GLN C 121 -40.67 -7.89 -41.84
CA GLN C 121 -39.49 -7.78 -42.69
C GLN C 121 -38.62 -6.58 -42.36
N ILE C 122 -39.22 -5.42 -42.10
CA ILE C 122 -38.44 -4.24 -41.72
C ILE C 122 -37.72 -4.42 -40.39
N HIS C 123 -38.46 -4.85 -39.38
CA HIS C 123 -37.91 -5.05 -38.04
C HIS C 123 -36.81 -6.10 -37.97
N PHE C 124 -36.89 -7.12 -38.81
CA PHE C 124 -35.92 -8.20 -38.81
C PHE C 124 -34.52 -7.68 -39.11
N VAL C 125 -34.39 -6.76 -40.06
CA VAL C 125 -33.09 -6.21 -40.41
C VAL C 125 -32.47 -5.49 -39.23
N LEU C 126 -33.23 -4.59 -38.59
CA LEU C 126 -32.70 -3.83 -37.47
C LEU C 126 -32.31 -4.75 -36.33
N ASN C 127 -33.18 -5.70 -35.98
CA ASN C 127 -32.88 -6.56 -34.84
C ASN C 127 -31.70 -7.48 -35.11
N THR C 128 -31.57 -8.02 -36.32
CA THR C 128 -30.44 -8.89 -36.63
C THR C 128 -29.13 -8.13 -36.68
N VAL C 129 -29.12 -6.94 -37.28
CA VAL C 129 -27.91 -6.14 -37.28
C VAL C 129 -27.52 -5.72 -35.87
N SER C 130 -28.51 -5.41 -35.02
CA SER C 130 -28.20 -5.07 -33.64
C SER C 130 -27.67 -6.27 -32.86
N LEU C 131 -28.21 -7.46 -33.09
CA LEU C 131 -27.76 -8.64 -32.39
C LEU C 131 -26.37 -9.08 -32.81
N MET C 132 -26.02 -8.96 -34.08
CA MET C 132 -24.68 -9.40 -34.52
C MET C 132 -23.58 -8.54 -33.92
N SER C 133 -23.84 -7.24 -33.76
CA SER C 133 -22.81 -6.34 -33.26
C SER C 133 -22.44 -6.63 -31.82
N VAL C 134 -23.26 -7.38 -31.10
CA VAL C 134 -22.99 -7.69 -29.70
C VAL C 134 -22.65 -9.17 -29.53
N LEU C 135 -22.66 -9.95 -30.61
CA LEU C 135 -22.20 -11.33 -30.60
C LEU C 135 -20.84 -11.54 -31.24
N ILE C 136 -20.46 -10.72 -32.22
CA ILE C 136 -19.11 -10.84 -32.81
C ILE C 136 -18.04 -10.59 -31.75
N PRO C 137 -18.11 -9.54 -30.93
CA PRO C 137 -17.03 -9.29 -29.96
C PRO C 137 -16.89 -10.37 -28.90
N LYS C 138 -17.85 -11.26 -28.76
CA LYS C 138 -17.79 -12.31 -27.74
C LYS C 138 -17.15 -13.59 -28.24
N LEU C 139 -16.66 -13.61 -29.46
CA LEU C 139 -15.98 -14.80 -29.96
C LEU C 139 -14.56 -14.84 -29.41
N PRO C 140 -14.07 -16.02 -29.00
CA PRO C 140 -12.70 -16.09 -28.46
C PRO C 140 -11.64 -15.67 -29.45
N GLN C 141 -11.94 -15.72 -30.74
CA GLN C 141 -10.95 -15.37 -31.75
C GLN C 141 -10.71 -13.87 -31.83
N LEU C 142 -11.62 -13.04 -31.32
CA LEU C 142 -11.46 -11.60 -31.39
C LEU C 142 -10.89 -10.99 -30.12
N HIS C 143 -10.26 -11.79 -29.25
CA HIS C 143 -9.66 -11.26 -28.03
C HIS C 143 -8.49 -10.35 -28.42
N GLY C 144 -8.67 -9.05 -28.25
CA GLY C 144 -7.60 -8.10 -28.45
C GLY C 144 -7.51 -7.47 -29.83
N VAL C 145 -8.40 -7.80 -30.74
CA VAL C 145 -8.31 -7.27 -32.10
C VAL C 145 -9.08 -5.95 -32.16
N ARG C 146 -8.57 -5.03 -32.98
CA ARG C 146 -9.22 -3.74 -33.21
C ARG C 146 -9.23 -3.50 -34.71
N ILE C 147 -10.42 -3.43 -35.29
CA ILE C 147 -10.58 -3.30 -36.73
C ILE C 147 -10.13 -1.91 -37.18
N PHE C 148 -9.23 -1.87 -38.16
CA PHE C 148 -8.67 -0.63 -38.70
C PHE C 148 -7.96 0.19 -37.62
N GLY C 149 -7.54 -0.45 -36.54
CA GLY C 149 -6.94 0.27 -35.43
C GLY C 149 -7.88 1.28 -34.79
N ILE C 150 -9.15 0.92 -34.62
CA ILE C 150 -10.15 1.78 -34.01
C ILE C 150 -10.26 1.44 -32.55
N ASN C 151 -10.27 2.47 -31.70
CA ASN C 151 -10.36 2.32 -30.25
C ASN C 151 -9.17 1.51 -29.73
N LYS C 152 -7.98 1.87 -30.20
CA LYS C 152 -6.74 1.15 -29.87
C LYS C 152 -5.98 1.76 -28.71
N TYR C 153 -5.86 3.08 -28.63
CA TYR C 153 -5.05 3.72 -27.61
C TYR C 153 -5.90 4.69 -26.79
N ALA D 30 -46.85 10.85 13.08
CA ALA D 30 -47.40 11.20 11.78
C ALA D 30 -46.36 11.91 10.94
N TRP D 31 -46.14 13.18 11.24
CA TRP D 31 -45.15 13.98 10.50
C TRP D 31 -43.75 13.43 10.70
N LYS D 32 -43.46 12.97 11.92
CA LYS D 32 -42.15 12.42 12.23
C LYS D 32 -41.94 11.07 11.54
N GLN D 33 -43.04 10.33 11.36
CA GLN D 33 -43.00 9.04 10.69
C GLN D 33 -42.75 9.25 9.20
N MET D 34 -43.27 10.35 8.67
CA MET D 34 -43.10 10.68 7.26
C MET D 34 -41.65 11.03 6.97
N SER D 35 -41.02 11.74 7.90
CA SER D 35 -39.63 12.13 7.75
C SER D 35 -38.69 10.93 7.77
N TRP D 36 -39.06 9.90 8.54
CA TRP D 36 -38.26 8.68 8.61
C TRP D 36 -38.38 7.82 7.35
N PHE D 37 -39.58 7.69 6.78
CA PHE D 37 -39.72 6.96 5.54
C PHE D 37 -38.98 7.64 4.38
N TYR D 38 -39.04 8.96 4.32
CA TYR D 38 -38.26 9.69 3.31
C TYR D 38 -36.76 9.52 3.54
N TYR D 39 -36.33 9.50 4.80
CA TYR D 39 -34.94 9.25 5.11
C TYR D 39 -34.49 7.87 4.65
N GLN D 40 -35.33 6.85 4.82
CA GLN D 40 -35.01 5.52 4.30
C GLN D 40 -34.93 5.51 2.78
N TYR D 41 -35.84 6.22 2.12
CA TYR D 41 -35.81 6.33 0.67
C TYR D 41 -34.51 6.95 0.18
N LEU D 42 -34.05 8.02 0.86
CA LEU D 42 -32.78 8.63 0.52
C LEU D 42 -31.59 7.71 0.72
N LEU D 43 -31.64 6.82 1.70
CA LEU D 43 -30.54 5.90 1.97
C LEU D 43 -30.49 4.75 0.98
N VAL D 44 -31.64 4.23 0.54
CA VAL D 44 -31.64 3.08 -0.36
C VAL D 44 -31.16 3.42 -1.77
N THR D 45 -31.50 4.60 -2.28
CA THR D 45 -31.16 4.97 -3.64
C THR D 45 -29.80 5.66 -3.77
N ALA D 46 -29.09 5.89 -2.66
CA ALA D 46 -27.83 6.62 -2.62
C ALA D 46 -28.00 8.08 -3.01
N LEU D 47 -29.23 8.59 -2.99
CA LEU D 47 -29.46 10.02 -3.11
C LEU D 47 -29.05 10.77 -1.86
N TYR D 48 -28.75 10.06 -0.77
CA TYR D 48 -28.33 10.72 0.46
C TYR D 48 -27.03 11.48 0.29
N MET D 49 -26.15 11.00 -0.59
CA MET D 49 -24.84 11.60 -0.81
C MET D 49 -24.78 12.44 -2.09
N LEU D 50 -25.92 12.77 -2.67
CA LEU D 50 -26.00 13.61 -3.86
C LEU D 50 -26.37 15.03 -3.46
N GLU D 51 -25.97 15.98 -4.29
CA GLU D 51 -26.19 17.39 -3.99
C GLU D 51 -27.63 17.79 -4.24
N PRO D 52 -28.08 18.92 -3.67
CA PRO D 52 -29.51 19.29 -3.80
C PRO D 52 -30.01 19.42 -5.22
N TRP D 53 -29.22 19.97 -6.15
CA TRP D 53 -29.69 20.04 -7.52
C TRP D 53 -29.68 18.69 -8.21
N GLU D 54 -28.81 17.77 -7.78
CA GLU D 54 -28.77 16.44 -8.37
C GLU D 54 -29.97 15.60 -7.95
N ARG D 55 -30.46 15.79 -6.73
CA ARG D 55 -31.66 15.10 -6.25
C ARG D 55 -32.91 15.52 -7.02
N THR D 56 -33.00 16.78 -7.40
CA THR D 56 -34.14 17.29 -8.14
C THR D 56 -34.29 16.60 -9.50
N VAL D 57 -33.19 16.36 -10.21
CA VAL D 57 -33.25 15.67 -11.49
C VAL D 57 -33.87 14.29 -11.34
N PHE D 58 -33.36 13.50 -10.38
CA PHE D 58 -33.87 12.16 -10.16
C PHE D 58 -35.34 12.19 -9.74
N ASN D 59 -35.70 13.08 -8.83
CA ASN D 59 -37.10 13.15 -8.41
C ASN D 59 -38.02 13.54 -9.56
N SER D 60 -37.59 14.48 -10.40
CA SER D 60 -38.41 14.90 -11.53
C SER D 60 -38.64 13.75 -12.50
N MET D 61 -37.59 13.05 -12.90
CA MET D 61 -37.75 11.99 -13.88
C MET D 61 -38.25 10.70 -13.27
N LEU D 62 -38.46 10.67 -11.97
CA LEU D 62 -39.23 9.56 -11.44
C LEU D 62 -40.71 9.88 -11.30
N VAL D 63 -41.05 11.07 -10.81
CA VAL D 63 -42.45 11.47 -10.74
C VAL D 63 -43.10 11.56 -12.11
N SER D 64 -42.39 12.09 -13.11
CA SER D 64 -42.97 12.15 -14.45
C SER D 64 -43.20 10.77 -15.05
N ILE D 65 -42.26 9.83 -14.87
CA ILE D 65 -42.46 8.48 -15.36
C ILE D 65 -43.61 7.76 -14.66
N VAL D 66 -43.76 7.94 -13.36
CA VAL D 66 -44.94 7.38 -12.68
C VAL D 66 -46.25 8.03 -13.15
N GLY D 67 -46.27 9.35 -13.34
CA GLY D 67 -47.47 10.01 -13.79
C GLY D 67 -47.87 9.63 -15.21
N MET D 68 -46.89 9.43 -16.07
CA MET D 68 -47.14 9.04 -17.44
C MET D 68 -47.48 7.57 -17.58
N ALA D 69 -47.16 6.76 -16.57
CA ALA D 69 -47.63 5.37 -16.52
C ALA D 69 -49.04 5.23 -15.96
N LEU D 70 -49.40 6.07 -15.00
CA LEU D 70 -50.74 6.04 -14.42
C LEU D 70 -51.79 6.42 -15.46
N TYR D 71 -51.39 7.26 -16.41
CA TYR D 71 -52.28 7.69 -17.49
C TYR D 71 -52.51 6.60 -18.51
N THR D 72 -51.45 5.95 -18.98
CA THR D 72 -51.55 4.85 -19.92
C THR D 72 -52.22 3.63 -19.31
N GLY D 73 -52.07 3.40 -18.01
CA GLY D 73 -52.73 2.27 -17.38
C GLY D 73 -54.17 2.56 -17.04
N TYR D 74 -54.67 3.70 -17.51
CA TYR D 74 -56.08 4.04 -17.32
C TYR D 74 -56.77 4.20 -18.66
N VAL D 75 -56.08 4.79 -19.63
CA VAL D 75 -56.65 4.98 -20.96
C VAL D 75 -56.51 3.73 -21.82
N PHE D 76 -55.79 2.71 -21.35
CA PHE D 76 -55.59 1.47 -22.08
C PHE D 76 -56.03 0.27 -21.25
N MET D 77 -57.08 0.43 -20.45
CA MET D 77 -57.57 -0.64 -19.60
C MET D 77 -59.02 -0.40 -19.18
N ASP E 1 -3.83 -39.99 -18.15
CA ASP E 1 -2.40 -39.77 -17.98
C ASP E 1 -2.04 -39.51 -16.52
N LEU E 2 -0.89 -40.04 -16.11
CA LEU E 2 -0.35 -39.95 -14.75
C LEU E 2 -1.27 -40.53 -13.67
N THR E 3 -1.15 -41.83 -13.45
CA THR E 3 -1.99 -42.53 -12.47
C THR E 3 -1.62 -42.21 -11.02
N VAL E 4 -2.49 -42.62 -10.11
CA VAL E 4 -2.32 -42.37 -8.67
C VAL E 4 -1.07 -42.98 -8.00
N LYS E 5 -0.47 -44.01 -8.59
CA LYS E 5 0.72 -44.59 -8.00
C LYS E 5 1.93 -43.72 -8.28
N GLU E 6 2.06 -43.29 -9.53
CA GLU E 6 3.17 -42.44 -9.94
C GLU E 6 3.30 -41.22 -9.05
N LYS E 7 2.20 -40.47 -8.93
CA LYS E 7 2.18 -39.24 -8.13
C LYS E 7 2.77 -39.39 -6.72
N GLU E 8 2.43 -40.46 -6.02
CA GLU E 8 2.96 -40.67 -4.67
C GLU E 8 4.49 -40.70 -4.70
N GLU E 9 5.05 -41.39 -5.68
CA GLU E 9 6.50 -41.49 -5.85
C GLU E 9 7.10 -40.14 -6.22
N LEU E 10 6.43 -39.39 -7.10
CA LEU E 10 6.93 -38.06 -7.46
C LEU E 10 7.00 -37.15 -6.24
N ILE E 11 5.98 -37.19 -5.39
CA ILE E 11 5.98 -36.35 -4.19
C ILE E 11 7.05 -36.79 -3.20
N GLU E 12 7.28 -38.09 -3.03
CA GLU E 12 8.33 -38.54 -2.12
C GLU E 12 9.75 -38.28 -2.64
N GLU E 13 9.95 -38.28 -3.95
CA GLU E 13 11.27 -38.05 -4.51
C GLU E 13 11.78 -36.63 -4.29
N TRP E 14 10.87 -35.65 -4.24
CA TRP E 14 11.27 -34.25 -4.21
C TRP E 14 11.97 -33.89 -2.92
N GLN E 15 13.04 -33.10 -3.03
CA GLN E 15 13.78 -32.57 -1.89
C GLN E 15 14.12 -31.10 -2.17
N PRO E 16 13.71 -30.18 -1.31
CA PRO E 16 13.97 -28.76 -1.57
C PRO E 16 15.38 -28.36 -1.15
N GLU E 17 15.74 -27.14 -1.54
CA GLU E 17 16.95 -26.51 -1.07
C GLU E 17 16.72 -25.91 0.31
N PRO E 18 17.78 -25.73 1.10
CA PRO E 18 17.60 -25.11 2.41
C PRO E 18 17.12 -23.67 2.29
N LEU E 19 16.46 -23.19 3.35
CA LEU E 19 15.87 -21.85 3.32
C LEU E 19 16.94 -20.77 3.15
N VAL E 20 18.05 -20.90 3.86
CA VAL E 20 19.19 -20.00 3.71
C VAL E 20 20.41 -20.83 3.32
N PRO E 21 21.30 -20.33 2.48
CA PRO E 21 22.41 -21.15 2.01
C PRO E 21 23.47 -21.29 3.08
N PRO E 22 24.29 -22.34 3.00
CA PRO E 22 25.41 -22.52 3.95
C PRO E 22 26.66 -21.71 3.61
N VAL E 23 27.73 -22.02 4.33
CA VAL E 23 29.08 -21.42 4.29
C VAL E 23 29.03 -19.91 4.52
N PRO E 24 28.62 -19.48 5.71
CA PRO E 24 28.87 -18.09 6.11
C PRO E 24 30.27 -17.95 6.69
N LYS E 25 30.56 -16.77 7.28
CA LYS E 25 31.81 -16.51 7.98
C LYS E 25 32.99 -16.40 7.01
N ASP E 26 32.67 -15.99 5.79
CA ASP E 26 33.69 -15.58 4.83
C ASP E 26 33.38 -14.17 4.36
N HIS E 27 32.20 -13.68 4.73
CA HIS E 27 31.80 -12.31 4.40
C HIS E 27 32.61 -11.31 5.20
N PRO E 28 32.81 -10.13 4.61
CA PRO E 28 33.47 -9.04 5.34
C PRO E 28 32.62 -8.59 6.52
N ALA E 29 31.30 -8.61 6.36
CA ALA E 29 30.35 -8.20 7.39
C ALA E 29 30.16 -9.31 8.42
N LEU E 30 29.04 -9.24 9.15
CA LEU E 30 28.69 -10.18 10.22
C LEU E 30 29.58 -9.93 11.43
N ASN E 31 30.21 -8.76 11.43
CA ASN E 31 31.04 -8.33 12.54
C ASN E 31 30.70 -6.87 12.85
N TYR E 32 29.42 -6.58 13.05
CA TYR E 32 28.97 -5.25 13.39
C TYR E 32 29.84 -4.63 14.48
N ASN E 33 30.12 -3.34 14.34
CA ASN E 33 30.72 -2.58 15.43
C ASN E 33 29.68 -2.34 16.50
N ILE E 34 30.13 -2.31 17.75
CA ILE E 34 29.24 -1.90 18.84
C ILE E 34 29.64 -0.53 19.33
N VAL E 35 28.67 0.37 19.41
CA VAL E 35 28.86 1.72 19.92
C VAL E 35 28.21 1.80 21.29
N SER E 36 28.95 2.30 22.27
CA SER E 36 28.47 2.42 23.64
C SER E 36 28.08 3.87 23.89
N GLY E 37 26.79 4.11 24.06
CA GLY E 37 26.26 5.45 24.20
C GLY E 37 25.81 6.02 22.87
N PRO E 38 25.58 7.33 22.82
CA PRO E 38 25.17 7.94 21.56
C PRO E 38 26.35 8.11 20.61
N PRO E 39 26.11 8.06 19.30
CA PRO E 39 27.18 8.26 18.31
C PRO E 39 27.45 9.73 18.04
N SER E 40 27.95 10.42 19.06
CA SER E 40 28.16 11.86 19.00
C SER E 40 29.59 12.15 18.53
N HIS E 41 30.02 13.40 18.68
CA HIS E 41 31.37 13.81 18.26
C HIS E 41 32.44 12.95 18.91
N LYS E 42 32.37 12.79 20.23
CA LYS E 42 33.26 11.90 20.96
C LYS E 42 32.47 10.65 21.33
N THR E 43 32.87 9.51 20.77
CA THR E 43 32.15 8.29 21.05
C THR E 43 33.07 7.16 21.48
N VAL E 44 32.45 6.01 21.72
CA VAL E 44 33.15 4.80 22.13
C VAL E 44 32.71 3.70 21.19
N VAL E 45 33.59 3.26 20.31
CA VAL E 45 33.31 2.20 19.35
C VAL E 45 34.22 1.02 19.68
N ASN E 46 33.62 -0.14 19.94
CA ASN E 46 34.37 -1.35 20.30
C ASN E 46 35.23 -1.12 21.53
N GLY E 47 34.72 -0.31 22.46
CA GLY E 47 35.45 0.03 23.66
C GLY E 47 36.68 0.89 23.47
N LYS E 48 36.62 1.86 22.55
CA LYS E 48 37.72 2.78 22.34
C LYS E 48 37.16 4.18 22.13
N GLU E 49 37.68 5.14 22.89
CA GLU E 49 37.30 6.54 22.75
C GLU E 49 37.96 7.10 21.48
N CYS E 50 37.15 7.76 20.63
CA CYS E 50 37.67 8.22 19.35
C CYS E 50 36.79 9.33 18.79
N ILE E 51 37.35 10.08 17.83
CA ILE E 51 36.59 11.05 17.05
C ILE E 51 36.00 10.37 15.83
N ASN E 52 34.71 10.59 15.58
CA ASN E 52 34.06 9.86 14.49
C ASN E 52 33.98 10.68 13.22
N PHE E 53 34.35 10.06 12.12
CA PHE E 53 34.21 10.59 10.78
C PHE E 53 33.32 9.67 9.95
N ALA E 54 32.24 9.17 10.55
CA ALA E 54 31.42 8.16 9.91
C ALA E 54 29.93 8.38 10.03
N SER E 55 29.47 9.25 10.92
CA SER E 55 28.05 9.56 11.02
C SER E 55 27.68 10.71 10.10
N PHE E 56 26.38 10.83 9.83
CA PHE E 56 25.89 11.72 8.78
C PHE E 56 25.16 12.94 9.33
N ASN E 57 25.47 13.39 10.54
CA ASN E 57 24.82 14.60 11.06
C ASN E 57 25.77 15.78 10.82
N PHE E 58 25.62 16.39 9.64
CA PHE E 58 26.55 17.41 9.20
C PHE E 58 26.44 18.68 10.04
N LEU E 59 25.27 18.95 10.60
CA LEU E 59 24.98 20.21 11.27
C LEU E 59 25.01 20.11 12.80
N GLY E 60 25.45 18.98 13.33
CA GLY E 60 25.22 18.71 14.74
C GLY E 60 23.78 18.26 14.94
N LEU E 61 23.08 18.90 15.87
CA LEU E 61 21.62 18.77 16.04
C LEU E 61 21.20 17.40 16.56
N LEU E 62 22.12 16.44 16.64
CA LEU E 62 21.76 15.17 17.26
C LEU E 62 21.70 15.30 18.77
N ASP E 63 22.64 16.03 19.37
CA ASP E 63 22.68 16.26 20.79
C ASP E 63 22.57 17.74 21.12
N ASN E 64 21.81 18.48 20.33
CA ASN E 64 21.53 19.87 20.64
C ASN E 64 20.55 19.94 21.80
N PRO E 65 20.79 20.80 22.79
CA PRO E 65 19.84 20.89 23.92
C PRO E 65 18.44 21.32 23.51
N ARG E 66 18.32 22.22 22.53
CA ARG E 66 17.01 22.73 22.14
C ARG E 66 16.18 21.65 21.47
N VAL E 67 16.78 20.85 20.60
CA VAL E 67 16.06 19.76 19.94
C VAL E 67 15.57 18.76 20.97
N LYS E 68 16.43 18.41 21.93
CA LYS E 68 16.04 17.45 22.96
C LYS E 68 14.91 17.99 23.82
N ALA E 69 14.98 19.26 24.19
CA ALA E 69 13.90 19.89 24.96
C ALA E 69 12.59 19.92 24.19
N ALA E 70 12.61 20.19 22.89
CA ALA E 70 11.40 20.16 22.09
C ALA E 70 10.83 18.77 21.90
N ALA E 71 11.69 17.75 21.81
CA ALA E 71 11.20 16.38 21.72
C ALA E 71 10.62 15.88 23.04
N LEU E 72 11.19 16.28 24.18
CA LEU E 72 10.66 15.85 25.47
C LEU E 72 9.27 16.42 25.72
N ALA E 73 9.04 17.68 25.38
CA ALA E 73 7.75 18.31 25.59
C ALA E 73 6.65 17.67 24.75
N SER E 74 6.98 17.14 23.58
CA SER E 74 6.02 16.41 22.78
C SER E 74 5.87 14.96 23.22
N LEU E 75 6.89 14.39 23.85
CA LEU E 75 6.73 13.10 24.49
C LEU E 75 5.78 13.15 25.67
N LYS E 76 5.82 14.22 26.46
CA LYS E 76 4.96 14.34 27.63
C LYS E 76 3.51 14.64 27.29
N LYS E 77 3.20 14.95 26.04
CA LYS E 77 1.85 15.31 25.63
C LYS E 77 1.12 14.21 24.89
N TYR E 78 1.82 13.40 24.10
CA TYR E 78 1.20 12.42 23.22
C TYR E 78 1.58 10.98 23.52
N GLY E 79 2.70 10.75 24.19
CA GLY E 79 3.26 9.42 24.26
C GLY E 79 4.24 9.17 23.15
N VAL E 80 4.45 7.89 22.84
CA VAL E 80 5.43 7.49 21.84
C VAL E 80 4.77 7.13 20.51
N GLY E 81 3.79 6.24 20.51
CA GLY E 81 3.27 5.67 19.29
C GLY E 81 2.02 6.34 18.75
N THR E 82 1.99 6.49 17.44
CA THR E 82 0.78 6.83 16.68
C THR E 82 0.20 5.51 16.23
N CYS E 83 -0.76 5.00 17.01
CA CYS E 83 -1.38 3.69 16.76
C CYS E 83 -2.38 3.64 15.63
N GLY E 84 -1.95 3.98 14.43
CA GLY E 84 -2.84 3.96 13.30
C GLY E 84 -2.19 4.46 12.03
N PRO E 85 -2.75 4.07 10.87
CA PRO E 85 -2.14 4.35 9.57
C PRO E 85 -2.56 5.64 8.87
N ARG E 86 -2.56 6.75 9.61
CA ARG E 86 -2.64 8.10 9.04
C ARG E 86 -3.96 8.37 8.32
N GLY E 87 -4.78 7.34 8.12
CA GLY E 87 -6.04 7.48 7.44
C GLY E 87 -7.16 7.04 8.34
N PHE E 88 -6.82 6.32 9.41
CA PHE E 88 -7.74 6.00 10.50
C PHE E 88 -7.14 6.53 11.79
N TYR E 89 -7.39 7.81 12.10
CA TYR E 89 -6.99 8.39 13.39
C TYR E 89 -5.49 8.27 13.64
N GLY E 90 -4.71 8.42 12.58
CA GLY E 90 -3.27 8.35 12.70
C GLY E 90 -2.62 9.69 12.44
N THR E 91 -3.41 10.73 12.27
CA THR E 91 -2.91 12.07 11.97
C THR E 91 -3.07 12.98 13.19
N PHE E 92 -1.95 13.51 13.66
CA PHE E 92 -1.84 14.45 14.76
C PHE E 92 -1.73 15.87 14.23
N ASP E 93 -1.93 16.85 15.09
CA ASP E 93 -1.72 18.24 14.72
C ASP E 93 -0.26 18.59 14.49
N VAL E 94 0.66 17.78 15.00
CA VAL E 94 2.08 17.97 14.74
C VAL E 94 2.47 17.59 13.32
N HIS E 95 1.87 16.54 12.76
CA HIS E 95 2.13 16.14 11.38
C HIS E 95 1.75 17.24 10.39
N LEU E 96 0.56 17.81 10.57
CA LEU E 96 0.08 18.90 9.74
C LEU E 96 0.93 20.14 9.87
N ASP E 97 1.45 20.42 11.06
CA ASP E 97 2.38 21.51 11.29
C ASP E 97 3.74 21.28 10.62
N LEU E 98 4.28 20.07 10.69
CA LEU E 98 5.53 19.77 10.03
C LEU E 98 5.45 19.84 8.52
N GLU E 99 4.39 19.31 7.91
CA GLU E 99 4.29 19.41 6.45
C GLU E 99 4.16 20.86 6.00
N ASP E 100 3.32 21.63 6.69
CA ASP E 100 3.15 23.03 6.39
C ASP E 100 4.46 23.80 6.58
N ARG E 101 5.28 23.37 7.52
CA ARG E 101 6.55 24.05 7.77
C ARG E 101 7.59 23.71 6.71
N LEU E 102 7.62 22.44 6.27
CA LEU E 102 8.55 22.05 5.21
C LEU E 102 8.23 22.78 3.91
N ALA E 103 6.94 22.94 3.60
CA ALA E 103 6.57 23.65 2.38
C ALA E 103 7.07 25.09 2.39
N LYS E 104 6.98 25.77 3.54
CA LYS E 104 7.48 27.14 3.63
C LYS E 104 9.00 27.20 3.60
N PHE E 105 9.68 26.20 4.16
CA PHE E 105 11.14 26.20 4.07
C PHE E 105 11.60 26.06 2.63
N MET E 106 11.02 25.13 1.87
CA MET E 106 11.46 24.93 0.49
C MET E 106 10.80 25.86 -0.51
N LYS E 107 9.77 26.60 -0.09
CA LYS E 107 9.06 27.55 -0.94
C LYS E 107 8.28 26.85 -2.04
N THR E 108 7.64 25.75 -1.72
CA THR E 108 6.75 25.04 -2.62
C THR E 108 5.33 25.14 -2.10
N GLU E 109 4.41 24.47 -2.79
CA GLU E 109 3.00 24.57 -2.40
C GLU E 109 2.65 23.55 -1.32
N GLU E 110 3.13 22.32 -1.44
CA GLU E 110 2.73 21.27 -0.52
C GLU E 110 3.90 20.33 -0.23
N ALA E 111 3.74 19.57 0.86
CA ALA E 111 4.71 18.57 1.28
C ALA E 111 3.97 17.39 1.89
N ILE E 112 4.58 16.22 1.81
CA ILE E 112 4.06 14.99 2.39
C ILE E 112 5.20 14.29 3.11
N ILE E 113 4.95 13.76 4.30
CA ILE E 113 5.99 13.12 5.11
C ILE E 113 5.70 11.63 5.21
N TYR E 114 6.76 10.83 5.09
CA TYR E 114 6.75 9.40 5.31
C TYR E 114 7.42 9.09 6.64
N SER E 115 7.13 7.92 7.19
CA SER E 115 7.67 7.55 8.49
C SER E 115 9.00 6.83 8.38
N TYR E 116 9.49 6.59 7.17
CA TYR E 116 10.73 5.84 6.99
C TYR E 116 11.45 6.44 5.80
N GLY E 117 12.74 6.74 5.97
CA GLY E 117 13.47 7.47 4.94
C GLY E 117 13.67 6.69 3.66
N PHE E 118 13.76 5.37 3.76
CA PHE E 118 13.98 4.53 2.59
C PHE E 118 12.72 4.36 1.75
N ALA E 119 11.54 4.43 2.36
CA ALA E 119 10.29 4.21 1.67
C ALA E 119 9.79 5.42 0.90
N THR E 120 10.30 6.62 1.19
CA THR E 120 9.72 7.82 0.59
C THR E 120 9.93 7.84 -0.93
N ILE E 121 11.14 7.53 -1.40
CA ILE E 121 11.39 7.51 -2.84
C ILE E 121 11.06 6.15 -3.47
N ALA E 122 11.12 5.07 -2.70
CA ALA E 122 10.67 3.78 -3.19
C ALA E 122 9.17 3.72 -3.42
N SER E 123 8.38 4.58 -2.77
CA SER E 123 6.95 4.64 -3.01
C SER E 123 6.56 5.67 -4.04
N ALA E 124 7.29 6.78 -4.16
CA ALA E 124 6.95 7.88 -5.03
C ALA E 124 7.12 7.55 -6.52
N ILE E 125 8.19 6.86 -6.90
CA ILE E 125 8.41 6.56 -8.31
C ILE E 125 7.32 5.68 -8.90
N PRO E 126 6.92 4.57 -8.27
CA PRO E 126 5.85 3.76 -8.86
C PRO E 126 4.47 4.39 -8.81
N ALA E 127 4.29 5.49 -8.08
CA ALA E 127 3.00 6.19 -8.08
C ALA E 127 2.75 6.95 -9.36
N TYR E 128 3.79 7.28 -10.11
CA TYR E 128 3.68 8.03 -11.35
C TYR E 128 4.06 7.24 -12.59
N SER E 129 5.01 6.30 -12.49
CA SER E 129 5.47 5.52 -13.63
C SER E 129 4.78 4.18 -13.66
N LYS E 130 4.28 3.80 -14.83
CA LYS E 130 3.56 2.56 -15.04
C LYS E 130 4.21 1.77 -16.17
N ARG E 131 3.56 0.68 -16.59
CA ARG E 131 4.17 -0.29 -17.49
C ARG E 131 4.58 0.27 -18.86
N GLY E 132 3.87 1.25 -19.39
CA GLY E 132 4.19 1.71 -20.72
C GLY E 132 5.06 2.96 -20.81
N ASP E 133 5.77 3.31 -19.75
CA ASP E 133 6.52 4.56 -19.68
C ASP E 133 8.01 4.30 -19.86
N ILE E 134 8.73 5.39 -20.16
CA ILE E 134 10.18 5.35 -20.33
C ILE E 134 10.81 6.25 -19.28
N VAL E 135 11.79 5.72 -18.55
CA VAL E 135 12.51 6.47 -17.54
C VAL E 135 13.99 6.48 -17.91
N PHE E 136 14.60 7.66 -17.85
CA PHE E 136 16.03 7.81 -18.07
C PHE E 136 16.70 8.07 -16.73
N VAL E 137 17.60 7.18 -16.32
CA VAL E 137 18.16 7.23 -14.98
C VAL E 137 19.69 7.23 -15.06
N ASP E 138 20.30 8.05 -14.20
CA ASP E 138 21.75 8.09 -14.08
C ASP E 138 22.28 6.76 -13.59
N ARG E 139 23.41 6.33 -14.15
CA ARG E 139 23.94 5.00 -13.86
C ARG E 139 24.36 4.86 -12.40
N ALA E 140 24.64 5.96 -11.72
CA ALA E 140 25.15 5.95 -10.35
C ALA E 140 24.07 6.19 -9.31
N ALA E 141 22.81 5.87 -9.61
CA ALA E 141 21.72 6.11 -8.68
C ALA E 141 21.79 5.15 -7.51
N CYS E 142 21.20 5.56 -6.39
CA CYS E 142 21.28 4.81 -5.15
C CYS E 142 20.29 3.65 -5.14
N PHE E 143 20.36 2.83 -4.10
CA PHE E 143 19.60 1.58 -4.05
C PHE E 143 18.10 1.82 -3.96
N ALA E 144 17.67 2.85 -3.22
CA ALA E 144 16.24 3.12 -3.10
C ALA E 144 15.63 3.53 -4.43
N ILE E 145 16.37 4.30 -5.24
CA ILE E 145 15.91 4.64 -6.58
C ILE E 145 15.75 3.39 -7.42
N GLN E 146 16.70 2.46 -7.31
CA GLN E 146 16.64 1.22 -8.07
C GLN E 146 15.41 0.39 -7.68
N LYS E 147 15.11 0.32 -6.39
CA LYS E 147 13.94 -0.43 -5.96
C LYS E 147 12.65 0.23 -6.41
N GLY E 148 12.60 1.56 -6.37
CA GLY E 148 11.44 2.26 -6.87
C GLY E 148 11.24 2.06 -8.36
N LEU E 149 12.33 2.01 -9.12
CA LEU E 149 12.22 1.75 -10.55
C LEU E 149 11.87 0.31 -10.85
N GLN E 150 12.19 -0.61 -9.95
CA GLN E 150 11.78 -2.00 -10.16
C GLN E 150 10.31 -2.21 -9.82
N ALA E 151 9.80 -1.51 -8.80
CA ALA E 151 8.39 -1.64 -8.45
C ALA E 151 7.48 -1.12 -9.55
N SER E 152 7.84 0.00 -10.16
CA SER E 152 7.14 0.51 -11.34
C SER E 152 7.66 -0.27 -12.53
N ARG E 153 6.79 -1.04 -13.17
CA ARG E 153 7.26 -1.93 -14.22
C ARG E 153 7.44 -1.21 -15.55
N SER E 154 8.18 -0.12 -15.57
CA SER E 154 8.39 0.69 -16.75
C SER E 154 9.72 0.33 -17.42
N ASP E 155 10.06 1.06 -18.48
CA ASP E 155 11.27 0.80 -19.26
C ASP E 155 12.40 1.67 -18.75
N ILE E 156 13.48 1.04 -18.32
CA ILE E 156 14.61 1.76 -17.77
C ILE E 156 15.82 1.84 -18.67
N LYS E 157 16.17 3.07 -19.03
CA LYS E 157 17.36 3.35 -19.83
C LYS E 157 18.38 4.02 -18.94
N LEU E 158 19.59 3.47 -18.87
CA LEU E 158 20.67 4.03 -18.07
C LEU E 158 21.61 4.82 -18.95
N PHE E 159 22.06 5.97 -18.45
CA PHE E 159 23.06 6.76 -19.14
C PHE E 159 24.25 6.98 -18.24
N LYS E 160 25.39 7.30 -18.86
CA LYS E 160 26.65 7.41 -18.14
C LYS E 160 26.60 8.50 -17.10
N HIS E 161 27.44 8.36 -16.07
CA HIS E 161 27.39 9.25 -14.92
C HIS E 161 27.79 10.67 -15.29
N ASN E 162 26.80 11.56 -15.31
CA ASN E 162 26.96 13.02 -15.32
C ASN E 162 27.33 13.61 -16.67
N ASP E 163 27.14 12.90 -17.78
CA ASP E 163 27.37 13.50 -19.09
C ASP E 163 26.05 13.57 -19.86
N MET E 164 25.75 14.76 -20.36
CA MET E 164 24.52 15.01 -21.09
C MET E 164 24.62 14.64 -22.56
N ALA E 165 25.83 14.39 -23.06
CA ALA E 165 26.00 13.92 -24.44
C ALA E 165 25.41 12.54 -24.64
N ASP E 166 25.37 11.72 -23.59
CA ASP E 166 24.78 10.39 -23.67
C ASP E 166 23.29 10.41 -23.41
N LEU E 167 22.83 11.26 -22.49
CA LEU E 167 21.40 11.42 -22.28
C LEU E 167 20.74 11.98 -23.52
N GLU E 168 21.37 12.95 -24.17
CA GLU E 168 20.80 13.50 -25.39
C GLU E 168 20.77 12.46 -26.51
N ARG E 169 21.77 11.59 -26.57
CA ARG E 169 21.77 10.50 -27.53
C ARG E 169 20.59 9.55 -27.31
N LEU E 170 20.34 9.16 -26.06
CA LEU E 170 19.19 8.33 -25.76
C LEU E 170 17.86 9.03 -26.08
N LEU E 171 17.76 10.31 -25.73
CA LEU E 171 16.54 11.06 -25.99
C LEU E 171 16.26 11.20 -27.47
N LYS E 172 17.31 11.38 -28.29
CA LYS E 172 17.14 11.44 -29.74
C LYS E 172 16.88 10.08 -30.36
N GLU E 173 17.40 8.99 -29.79
CA GLU E 173 16.95 7.68 -30.22
C GLU E 173 15.48 7.46 -29.95
N GLN E 174 14.95 8.03 -28.87
CA GLN E 174 13.51 7.92 -28.59
C GLN E 174 12.65 8.66 -29.60
N GLU E 175 13.17 9.71 -30.22
CA GLU E 175 12.44 10.46 -31.22
C GLU E 175 12.17 9.63 -32.48
N ILE E 176 13.15 8.84 -32.89
CA ILE E 176 12.96 7.99 -34.06
C ILE E 176 11.86 6.96 -33.81
N GLU E 177 11.83 6.41 -32.61
CA GLU E 177 10.81 5.45 -32.22
C GLU E 177 9.45 6.16 -32.22
N ASP E 178 9.42 7.37 -31.67
CA ASP E 178 8.21 8.16 -31.64
C ASP E 178 7.65 8.46 -33.02
N GLN E 179 8.51 8.77 -33.97
CA GLN E 179 8.09 9.16 -35.31
C GLN E 179 7.43 8.10 -36.19
N LYS E 180 7.69 6.84 -35.91
CA LYS E 180 7.12 5.76 -36.71
C LYS E 180 5.90 5.12 -36.06
N ASN E 181 5.40 5.69 -34.97
CA ASN E 181 4.15 5.27 -34.34
C ASN E 181 3.58 6.43 -33.54
N PRO E 182 3.09 7.47 -34.20
CA PRO E 182 2.67 8.67 -33.45
C PRO E 182 1.53 8.45 -32.48
N ARG E 183 0.64 7.51 -32.75
CA ARG E 183 -0.51 7.32 -31.87
C ARG E 183 -0.12 6.71 -30.54
N LYS E 184 0.89 5.84 -30.53
CA LYS E 184 1.41 5.30 -29.29
C LYS E 184 2.27 6.30 -28.53
N ALA E 185 2.89 7.24 -29.23
CA ALA E 185 3.73 8.26 -28.61
C ALA E 185 2.95 9.30 -27.82
N ARG E 186 1.64 9.39 -28.01
CA ARG E 186 0.82 10.36 -27.30
C ARG E 186 0.25 9.81 -26.00
N VAL E 187 0.57 8.57 -25.65
CA VAL E 187 0.11 7.96 -24.41
C VAL E 187 1.27 7.44 -23.56
N THR E 188 2.51 7.75 -23.94
CA THR E 188 3.68 7.34 -23.17
C THR E 188 4.28 8.56 -22.49
N ARG E 189 4.59 8.40 -21.20
CA ARG E 189 5.17 9.47 -20.41
C ARG E 189 6.65 9.23 -20.18
N ARG E 190 7.41 10.30 -20.06
CA ARG E 190 8.85 10.24 -19.97
C ARG E 190 9.32 10.90 -18.69
N PHE E 191 10.27 10.28 -18.02
CA PHE E 191 10.83 10.81 -16.77
C PHE E 191 12.34 10.74 -16.82
N ILE E 192 12.99 11.72 -16.20
CA ILE E 192 14.43 11.73 -15.99
C ILE E 192 14.63 11.71 -14.48
N VAL E 193 15.35 10.71 -13.98
CA VAL E 193 15.60 10.61 -12.56
C VAL E 193 17.07 10.90 -12.30
N VAL E 194 17.34 11.97 -11.55
CA VAL E 194 18.69 12.36 -11.19
C VAL E 194 18.77 12.53 -9.68
N GLU E 195 19.90 13.05 -9.23
CA GLU E 195 20.24 13.15 -7.83
C GLU E 195 21.22 14.30 -7.67
N GLY E 196 21.10 15.07 -6.59
CA GLY E 196 22.10 16.06 -6.30
C GLY E 196 23.03 15.57 -5.23
N LEU E 197 24.34 15.66 -5.45
CA LEU E 197 25.32 15.03 -4.56
C LEU E 197 25.10 13.52 -4.47
N TYR E 198 25.47 12.79 -5.51
CA TYR E 198 25.34 11.34 -5.52
C TYR E 198 26.06 10.70 -4.34
N MET E 199 25.33 9.81 -3.65
CA MET E 199 25.84 9.12 -2.48
C MET E 199 27.04 8.24 -2.80
N ASN E 200 27.00 7.56 -3.95
CA ASN E 200 27.97 6.53 -4.28
C ASN E 200 29.24 7.06 -4.91
N THR E 201 29.26 8.29 -5.37
CA THR E 201 30.44 8.86 -6.01
C THR E 201 30.90 10.15 -5.37
N GLY E 202 29.99 10.94 -4.81
CA GLY E 202 30.35 12.19 -4.18
C GLY E 202 30.37 13.39 -5.09
N THR E 203 29.81 13.29 -6.30
CA THR E 203 29.79 14.38 -7.25
C THR E 203 28.38 14.97 -7.36
N ILE E 204 28.29 16.07 -8.08
CA ILE E 204 27.07 16.87 -8.18
C ILE E 204 26.57 16.83 -9.62
N CYS E 205 25.25 16.91 -9.79
CA CYS E 205 24.66 16.81 -11.13
C CYS E 205 24.64 18.17 -11.83
N PRO E 206 24.81 18.18 -13.17
CA PRO E 206 24.66 19.44 -13.92
C PRO E 206 23.20 19.76 -14.23
N LEU E 207 22.63 20.68 -13.47
CA LEU E 207 21.19 20.96 -13.53
C LEU E 207 20.81 21.95 -14.62
N PRO E 208 21.56 23.03 -14.85
CA PRO E 208 21.19 23.95 -15.94
C PRO E 208 21.14 23.31 -17.31
N GLU E 209 22.00 22.34 -17.60
CA GLU E 209 21.99 21.66 -18.88
C GLU E 209 20.86 20.65 -19.00
N LEU E 210 20.27 20.28 -17.87
CA LEU E 210 19.23 19.27 -17.83
C LEU E 210 17.84 19.89 -17.87
N VAL E 211 17.67 21.06 -17.27
CA VAL E 211 16.42 21.79 -17.42
C VAL E 211 16.17 22.18 -18.87
N LYS E 212 17.22 22.52 -19.62
CA LYS E 212 17.07 22.82 -21.05
C LYS E 212 16.72 21.61 -21.89
N LEU E 213 17.21 20.43 -21.55
CA LEU E 213 16.80 19.20 -22.20
C LEU E 213 15.36 18.84 -21.91
N LYS E 214 14.90 19.12 -20.69
CA LYS E 214 13.51 18.88 -20.30
C LYS E 214 12.51 19.54 -21.22
N TYR E 215 12.71 20.81 -21.55
CA TYR E 215 11.76 21.54 -22.36
C TYR E 215 11.90 21.27 -23.84
N LYS E 216 12.99 20.63 -24.25
CA LYS E 216 13.21 20.29 -25.64
C LYS E 216 12.64 18.93 -25.99
N TYR E 217 12.74 17.97 -25.07
CA TYR E 217 12.25 16.62 -25.35
C TYR E 217 11.05 16.24 -24.51
N LYS E 218 10.51 17.17 -23.73
CA LYS E 218 9.26 17.01 -23.01
C LYS E 218 9.30 15.83 -22.03
N ALA E 219 10.27 15.86 -21.13
CA ALA E 219 10.40 14.87 -20.09
C ALA E 219 10.46 15.55 -18.73
N ARG E 220 9.79 14.95 -17.74
CA ARG E 220 9.71 15.49 -16.39
C ARG E 220 10.88 14.98 -15.55
N ILE E 221 11.33 15.80 -14.61
CA ILE E 221 12.52 15.53 -13.81
C ILE E 221 12.11 15.12 -12.41
N PHE E 222 12.73 14.07 -11.88
CA PHE E 222 12.55 13.63 -10.50
C PHE E 222 13.88 13.76 -9.80
N LEU E 223 14.00 14.73 -8.90
CA LEU E 223 15.26 15.07 -8.25
C LEU E 223 15.27 14.51 -6.83
N GLU E 224 16.20 13.59 -6.57
CA GLU E 224 16.34 12.96 -5.27
C GLU E 224 17.55 13.57 -4.55
N GLU E 225 17.30 14.44 -3.57
CA GLU E 225 18.38 15.17 -2.92
C GLU E 225 18.29 15.01 -1.41
N SER E 226 18.77 13.87 -0.91
CA SER E 226 18.81 13.62 0.52
C SER E 226 20.18 13.86 1.12
N LEU E 227 21.16 14.23 0.29
CA LEU E 227 22.50 14.55 0.75
C LEU E 227 22.85 16.02 0.58
N SER E 228 22.06 16.77 -0.19
CA SER E 228 22.30 18.19 -0.37
C SER E 228 21.28 19.06 0.37
N PHE E 229 20.15 18.51 0.79
CA PHE E 229 19.20 19.26 1.58
C PHE E 229 19.80 19.58 2.94
N GLY E 230 19.80 20.85 3.31
CA GLY E 230 20.48 21.28 4.51
C GLY E 230 21.98 21.37 4.39
N VAL E 231 22.53 21.25 3.19
CA VAL E 231 23.97 21.29 2.98
C VAL E 231 24.31 22.38 1.97
N LEU E 232 23.76 22.26 0.76
CA LEU E 232 24.13 23.18 -0.31
C LEU E 232 23.22 24.40 -0.33
N GLY E 233 23.70 25.47 -0.94
CA GLY E 233 22.97 26.71 -0.99
C GLY E 233 23.35 27.63 0.14
N GLU E 234 22.95 28.89 -0.01
CA GLU E 234 23.15 29.88 1.04
C GLU E 234 22.20 29.71 2.20
N HIS E 235 21.00 29.19 1.96
CA HIS E 235 20.02 28.97 3.01
C HIS E 235 19.73 27.49 3.21
N GLY E 236 20.47 26.61 2.57
CA GLY E 236 20.34 25.18 2.81
C GLY E 236 19.18 24.50 2.13
N ARG E 237 18.65 25.08 1.04
CA ARG E 237 17.52 24.44 0.37
C ARG E 237 17.96 23.34 -0.58
N GLY E 238 19.24 23.27 -0.91
CA GLY E 238 19.69 22.16 -1.71
C GLY E 238 20.37 22.63 -2.96
N VAL E 239 20.25 21.82 -4.01
CA VAL E 239 21.00 22.05 -5.23
C VAL E 239 20.32 23.06 -6.17
N THR E 240 19.02 23.29 -6.01
CA THR E 240 18.37 24.33 -6.80
C THR E 240 18.84 25.71 -6.40
N GLU E 241 19.04 25.95 -5.11
CA GLU E 241 19.54 27.23 -4.62
C GLU E 241 21.00 27.45 -4.94
N HIS E 242 21.78 26.38 -5.07
CA HIS E 242 23.19 26.50 -5.45
C HIS E 242 23.35 27.05 -6.85
N TYR E 243 22.50 26.63 -7.79
CA TYR E 243 22.56 27.09 -9.17
C TYR E 243 21.65 28.26 -9.45
N GLY E 244 20.81 28.66 -8.51
CA GLY E 244 19.86 29.74 -8.74
C GLY E 244 18.79 29.38 -9.76
N ILE E 245 18.24 28.18 -9.64
CA ILE E 245 17.26 27.65 -10.58
C ILE E 245 15.89 27.72 -9.95
N ASN E 246 14.92 28.22 -10.70
CA ASN E 246 13.54 28.30 -10.26
C ASN E 246 13.02 26.92 -9.91
N ILE E 247 12.42 26.78 -8.73
CA ILE E 247 12.03 25.47 -8.25
C ILE E 247 10.77 24.97 -8.93
N ASP E 248 10.07 25.83 -9.66
CA ASP E 248 8.92 25.38 -10.43
C ASP E 248 9.30 24.54 -11.64
N ASP E 249 10.57 24.45 -11.96
CA ASP E 249 11.03 23.71 -13.13
C ASP E 249 11.34 22.24 -12.83
N ILE E 250 11.06 21.74 -11.62
CA ILE E 250 11.59 20.46 -11.19
C ILE E 250 10.56 19.33 -11.16
N ASP E 251 9.33 19.57 -10.72
CA ASP E 251 8.21 18.64 -10.65
C ASP E 251 8.20 17.64 -9.49
N LEU E 252 9.32 17.42 -8.80
CA LEU E 252 9.33 16.61 -7.59
C LEU E 252 10.70 16.67 -6.95
N ILE E 253 10.73 16.86 -5.63
CA ILE E 253 11.95 16.84 -4.85
C ILE E 253 11.74 15.94 -3.65
N SER E 254 12.69 15.04 -3.40
CA SER E 254 12.58 14.11 -2.30
C SER E 254 13.87 14.14 -1.48
N ALA E 255 13.70 14.10 -0.16
CA ALA E 255 14.82 14.05 0.77
C ALA E 255 14.40 13.22 1.97
N ASN E 256 15.36 12.93 2.83
CA ASN E 256 15.07 12.24 4.07
C ASN E 256 15.48 13.11 5.25
N MET E 257 14.78 12.92 6.37
CA MET E 257 14.95 13.77 7.54
C MET E 257 15.95 13.19 8.52
N GLU E 258 16.91 12.42 8.04
CA GLU E 258 17.80 11.66 8.90
C GLU E 258 19.28 12.07 8.81
N ASN E 259 19.66 12.92 7.86
CA ASN E 259 21.05 13.30 7.70
C ASN E 259 21.36 14.64 8.37
N ALA E 260 20.76 15.73 7.91
CA ALA E 260 21.05 17.03 8.52
C ALA E 260 20.02 17.41 9.56
N LEU E 261 18.83 16.84 9.52
CA LEU E 261 17.84 17.07 10.56
C LEU E 261 18.01 16.14 11.76
N ALA E 262 18.78 15.06 11.60
CA ALA E 262 19.09 14.13 12.68
C ALA E 262 17.81 13.58 13.32
N SER E 263 16.96 13.02 12.49
CA SER E 263 15.66 12.52 12.91
C SER E 263 15.36 11.28 12.09
N ILE E 264 14.09 10.89 12.00
CA ILE E 264 13.65 9.73 11.24
C ILE E 264 12.61 10.19 10.23
N GLY E 265 12.55 9.52 9.09
CA GLY E 265 11.51 9.74 8.11
C GLY E 265 12.02 10.42 6.86
N GLY E 266 11.10 10.66 5.93
CA GLY E 266 11.39 11.36 4.71
C GLY E 266 10.23 12.23 4.28
N PHE E 267 10.44 13.00 3.21
CA PHE E 267 9.39 13.88 2.72
C PHE E 267 9.58 14.10 1.22
N CYS E 268 8.50 14.55 0.58
CA CYS E 268 8.51 15.02 -0.81
C CYS E 268 7.81 16.37 -0.85
N CYS E 269 8.30 17.25 -1.71
CA CYS E 269 7.71 18.59 -1.84
C CYS E 269 7.48 18.91 -3.30
N GLY E 270 6.53 19.82 -3.54
CA GLY E 270 6.20 20.20 -4.91
C GLY E 270 4.83 20.86 -4.97
N ARG E 271 4.29 20.90 -6.18
CA ARG E 271 2.98 21.50 -6.44
C ARG E 271 1.87 20.56 -6.01
N SER E 272 0.73 21.15 -5.64
CA SER E 272 -0.41 20.35 -5.17
C SER E 272 -0.85 19.35 -6.24
N PHE E 273 -0.73 19.74 -7.51
CA PHE E 273 -1.19 18.90 -8.61
C PHE E 273 -0.45 17.56 -8.65
N VAL E 274 0.81 17.55 -8.22
CA VAL E 274 1.57 16.30 -8.21
C VAL E 274 1.58 15.69 -6.81
N ILE E 275 1.57 16.53 -5.77
CA ILE E 275 1.74 16.01 -4.41
C ILE E 275 0.47 15.31 -3.92
N ASP E 276 -0.69 15.87 -4.22
CA ASP E 276 -1.93 15.28 -3.76
C ASP E 276 -2.22 13.87 -4.26
N HIS E 277 -1.53 13.44 -5.31
CA HIS E 277 -1.75 12.09 -5.82
C HIS E 277 -1.13 11.01 -4.95
N GLN E 278 -0.08 11.32 -4.19
CA GLN E 278 0.56 10.30 -3.37
C GLN E 278 -0.23 9.94 -2.12
N ARG E 279 -1.12 10.81 -1.67
CA ARG E 279 -1.88 10.52 -0.46
C ARG E 279 -2.87 9.40 -0.65
N LEU E 280 -3.20 9.05 -1.90
CA LEU E 280 -4.10 7.95 -2.19
C LEU E 280 -3.42 6.84 -2.99
N SER E 281 -2.12 6.97 -3.30
CA SER E 281 -1.47 5.96 -4.10
C SER E 281 -0.02 5.67 -3.73
N GLY E 282 0.46 6.11 -2.57
CA GLY E 282 1.78 5.72 -2.11
C GLY E 282 1.70 4.59 -1.12
N GLN E 283 2.34 3.46 -1.41
CA GLN E 283 2.15 2.24 -0.63
C GLN E 283 2.58 2.40 0.82
N GLY E 284 3.73 3.02 1.06
CA GLY E 284 4.21 3.23 2.41
C GLY E 284 3.45 4.29 3.17
N TYR E 285 2.69 5.14 2.48
CA TYR E 285 1.90 6.15 3.14
C TYR E 285 0.50 5.65 3.49
N CYS E 286 -0.07 4.77 2.68
CA CYS E 286 -1.44 4.31 2.90
C CYS E 286 -1.51 3.14 3.87
N PHE E 287 -0.52 2.24 3.83
CA PHE E 287 -0.58 0.98 4.57
C PHE E 287 0.49 0.89 5.64
N SER E 288 0.83 2.01 6.27
CA SER E 288 1.82 1.99 7.32
C SER E 288 1.42 3.00 8.38
N ALA E 289 1.84 2.74 9.62
CA ALA E 289 1.59 3.66 10.71
C ALA E 289 2.41 4.93 10.53
N SER E 290 1.84 6.05 10.97
CA SER E 290 2.46 7.36 10.78
C SER E 290 3.63 7.57 11.74
N LEU E 291 4.33 8.69 11.55
CA LEU E 291 5.56 9.01 12.28
C LEU E 291 5.24 9.36 13.74
N PRO E 292 5.97 8.81 14.70
CA PRO E 292 5.75 9.16 16.11
C PRO E 292 5.93 10.65 16.34
N PRO E 293 5.07 11.26 17.16
CA PRO E 293 5.06 12.73 17.24
C PRO E 293 6.31 13.35 17.85
N LEU E 294 7.02 12.63 18.72
CA LEU E 294 8.23 13.21 19.29
C LEU E 294 9.34 13.34 18.26
N LEU E 295 9.32 12.53 17.20
CA LEU E 295 10.26 12.66 16.11
C LEU E 295 9.93 13.83 15.19
N ALA E 296 8.64 14.16 15.05
CA ALA E 296 8.25 15.33 14.28
C ALA E 296 8.51 16.62 15.02
N ALA E 297 8.29 16.64 16.34
CA ALA E 297 8.63 17.79 17.15
C ALA E 297 10.13 18.05 17.18
N ALA E 298 10.95 17.03 16.93
CA ALA E 298 12.38 17.22 16.83
C ALA E 298 12.82 17.78 15.48
N ALA E 299 12.12 17.44 14.40
CA ALA E 299 12.39 18.03 13.10
C ALA E 299 11.91 19.47 12.97
N ILE E 300 10.80 19.83 13.63
CA ILE E 300 10.35 21.22 13.59
C ILE E 300 11.37 22.13 14.27
N GLU E 301 11.91 21.72 15.41
CA GLU E 301 12.92 22.53 16.09
C GLU E 301 14.21 22.63 15.30
N ALA E 302 14.61 21.55 14.62
CA ALA E 302 15.76 21.62 13.72
C ALA E 302 15.54 22.63 12.61
N LEU E 303 14.33 22.66 12.04
CA LEU E 303 14.02 23.66 11.01
C LEU E 303 14.09 25.07 11.59
N ASN E 304 13.61 25.26 12.81
CA ASN E 304 13.72 26.56 13.46
C ASN E 304 15.18 27.01 13.59
N ILE E 305 16.04 26.12 14.07
CA ILE E 305 17.44 26.45 14.24
C ILE E 305 18.09 26.77 12.90
N MET E 306 17.79 25.96 11.88
CA MET E 306 18.36 26.18 10.56
C MET E 306 17.95 27.55 10.00
N GLU E 307 16.68 27.94 10.19
CA GLU E 307 16.24 29.23 9.68
C GLU E 307 16.85 30.40 10.46
N GLU E 308 17.07 30.25 11.77
CA GLU E 308 17.44 31.40 12.58
C GLU E 308 18.80 31.97 12.20
N ASN E 309 19.80 31.12 11.97
CA ASN E 309 21.11 31.60 11.54
C ASN E 309 21.64 30.72 10.41
N PRO E 310 21.65 31.20 9.17
CA PRO E 310 22.21 30.43 8.05
C PRO E 310 23.71 30.62 7.83
N GLY E 311 24.47 31.11 8.82
CA GLY E 311 25.91 31.10 8.70
C GLY E 311 26.55 29.76 8.92
N ILE E 312 25.79 28.78 9.41
CA ILE E 312 26.28 27.43 9.62
C ILE E 312 26.63 26.73 8.31
N PHE E 313 25.87 26.99 7.24
CA PHE E 313 26.19 26.44 5.94
C PHE E 313 27.46 27.01 5.35
N ALA E 314 27.90 28.18 5.81
CA ALA E 314 29.19 28.72 5.41
C ALA E 314 30.36 28.10 6.17
N VAL E 315 30.18 27.76 7.45
CA VAL E 315 31.25 27.06 8.16
C VAL E 315 31.40 25.63 7.66
N LEU E 316 30.29 24.94 7.37
CA LEU E 316 30.40 23.60 6.81
C LEU E 316 31.06 23.58 5.44
N LYS E 317 30.81 24.57 4.58
CA LYS E 317 31.41 24.60 3.26
C LYS E 317 32.92 24.76 3.28
N GLU E 318 33.44 25.66 4.11
CA GLU E 318 34.88 25.86 4.16
C GLU E 318 35.57 24.88 5.09
N LYS E 319 34.81 24.17 5.91
CA LYS E 319 35.42 23.12 6.72
C LYS E 319 35.77 21.90 5.88
N CYS E 320 34.94 21.57 4.88
CA CYS E 320 35.18 20.43 4.01
C CYS E 320 36.09 20.74 2.84
N GLY E 321 36.38 22.01 2.58
CA GLY E 321 37.37 22.34 1.58
C GLY E 321 38.79 22.26 2.07
N GLN E 322 38.98 21.98 3.37
CA GLN E 322 40.30 21.82 3.96
C GLN E 322 40.76 20.38 4.00
N ILE E 323 39.91 19.46 4.45
CA ILE E 323 40.29 18.06 4.50
C ILE E 323 40.33 17.43 3.11
N HIS E 324 39.56 17.95 2.15
CA HIS E 324 39.68 17.51 0.77
C HIS E 324 41.02 17.91 0.17
N LYS E 325 41.53 19.06 0.61
CA LYS E 325 42.82 19.55 0.16
C LYS E 325 43.98 18.92 0.91
N ALA E 326 43.72 18.42 2.12
CA ALA E 326 44.77 17.79 2.91
C ALA E 326 45.07 16.36 2.48
N LEU E 327 44.07 15.65 1.96
CA LEU E 327 44.23 14.25 1.56
C LEU E 327 44.74 14.09 0.14
N GLN E 328 45.34 15.13 -0.44
CA GLN E 328 45.89 15.03 -1.80
C GLN E 328 47.38 14.73 -1.67
N GLY E 329 47.77 13.54 -2.10
CA GLY E 329 49.18 13.17 -2.09
C GLY E 329 49.49 11.86 -1.40
N ILE E 330 48.45 11.14 -0.97
CA ILE E 330 48.66 9.84 -0.34
C ILE E 330 49.00 8.82 -1.43
N SER E 331 50.01 8.00 -1.17
CA SER E 331 50.47 7.02 -2.14
C SER E 331 49.58 5.78 -2.05
N GLY E 332 48.86 5.47 -3.13
CA GLY E 332 48.03 4.29 -3.21
C GLY E 332 46.55 4.55 -3.06
N LEU E 333 46.16 5.72 -2.55
CA LEU E 333 44.76 6.07 -2.35
C LEU E 333 44.45 7.32 -3.16
N LYS E 334 43.32 7.29 -3.86
CA LYS E 334 42.84 8.43 -4.64
C LYS E 334 41.54 8.92 -4.04
N VAL E 335 41.33 10.24 -4.06
CA VAL E 335 40.14 10.85 -3.50
C VAL E 335 39.09 11.00 -4.59
N VAL E 336 37.86 10.58 -4.30
CA VAL E 336 36.77 10.62 -5.26
C VAL E 336 35.67 11.51 -4.70
N GLY E 337 35.32 12.56 -5.43
CA GLY E 337 34.27 13.44 -4.99
C GLY E 337 34.59 14.92 -5.08
N GLU E 338 33.55 15.75 -5.17
CA GLU E 338 33.72 17.19 -5.30
C GLU E 338 34.21 17.82 -4.00
N SER E 339 34.77 19.02 -4.12
CA SER E 339 35.28 19.75 -2.97
C SER E 339 34.17 20.30 -2.08
N LEU E 340 32.99 20.54 -2.63
CA LEU E 340 31.86 21.08 -1.89
C LEU E 340 31.02 20.02 -1.22
N SER E 341 31.45 18.78 -1.23
CA SER E 341 30.69 17.67 -0.68
C SER E 341 31.19 17.32 0.72
N PRO E 342 30.29 17.09 1.68
CA PRO E 342 30.73 16.64 3.01
C PRO E 342 30.84 15.13 3.18
N ALA E 343 30.68 14.34 2.12
CA ALA E 343 30.70 12.89 2.24
C ALA E 343 31.42 12.23 1.08
N PHE E 344 32.66 12.63 0.79
CA PHE E 344 33.38 12.07 -0.33
C PHE E 344 33.98 10.70 0.01
N HIS E 345 34.62 10.08 -0.97
CA HIS E 345 35.16 8.73 -0.84
C HIS E 345 36.68 8.73 -0.87
N LEU E 346 37.25 7.54 -0.82
CA LEU E 346 38.69 7.37 -0.72
C LEU E 346 38.98 5.97 -1.26
N GLN E 347 39.39 5.90 -2.52
CA GLN E 347 39.43 4.64 -3.25
C GLN E 347 40.84 4.15 -3.49
N LEU E 348 40.95 2.85 -3.70
CA LEU E 348 42.23 2.18 -3.81
C LEU E 348 42.76 2.33 -5.23
N GLU E 349 43.99 2.82 -5.33
CA GLU E 349 44.65 3.02 -6.61
C GLU E 349 45.33 1.72 -7.03
N GLU E 350 45.38 1.48 -8.32
CA GLU E 350 45.98 0.26 -8.86
C GLU E 350 45.52 -0.98 -8.09
N SER E 351 44.29 -1.40 -8.34
CA SER E 351 43.72 -2.56 -7.67
C SER E 351 44.58 -3.80 -7.81
N THR E 352 44.27 -4.81 -7.00
CA THR E 352 45.02 -6.06 -7.03
C THR E 352 44.44 -6.98 -8.09
N GLY E 353 43.49 -7.82 -7.68
CA GLY E 353 42.88 -8.74 -8.62
C GLY E 353 41.41 -8.99 -8.31
N SER E 354 41.15 -9.40 -7.08
CA SER E 354 39.78 -9.68 -6.66
C SER E 354 39.24 -8.58 -5.77
N ARG E 355 37.94 -8.64 -5.50
CA ARG E 355 37.28 -7.65 -4.66
C ARG E 355 37.48 -7.99 -3.20
N GLU E 356 37.70 -9.28 -2.92
CA GLU E 356 37.90 -9.74 -1.55
C GLU E 356 39.27 -9.34 -1.02
N GLN E 357 40.24 -9.21 -1.91
CA GLN E 357 41.59 -8.82 -1.53
C GLN E 357 41.63 -7.34 -1.19
N ASP E 358 40.89 -6.55 -1.96
CA ASP E 358 40.79 -5.10 -1.76
C ASP E 358 40.05 -4.75 -0.48
N VAL E 359 38.96 -5.46 -0.18
CA VAL E 359 38.22 -5.20 1.04
C VAL E 359 39.07 -5.54 2.26
N ARG E 360 39.83 -6.64 2.19
CA ARG E 360 40.77 -6.97 3.26
C ARG E 360 41.86 -5.92 3.43
N LEU E 361 42.34 -5.33 2.33
CA LEU E 361 43.29 -4.22 2.46
C LEU E 361 42.67 -2.99 3.11
N LEU E 362 41.44 -2.63 2.74
CA LEU E 362 40.84 -1.40 3.27
C LEU E 362 40.48 -1.55 4.74
N GLN E 363 39.97 -2.72 5.15
CA GLN E 363 39.65 -2.93 6.55
C GLN E 363 40.87 -2.84 7.44
N GLU E 364 42.05 -3.19 6.94
CA GLU E 364 43.26 -3.05 7.71
C GLU E 364 43.56 -1.60 8.04
N ILE E 365 43.42 -0.71 7.07
CA ILE E 365 43.59 0.72 7.34
C ILE E 365 42.54 1.23 8.30
N VAL E 366 41.28 0.81 8.14
CA VAL E 366 40.23 1.28 9.05
C VAL E 366 40.53 0.83 10.49
N ASP E 367 40.87 -0.44 10.67
CA ASP E 367 41.10 -0.98 12.01
C ASP E 367 42.35 -0.42 12.63
N GLN E 368 43.31 -0.02 11.80
CA GLN E 368 44.56 0.56 12.27
C GLN E 368 44.30 1.99 12.71
N CYS E 369 43.44 2.70 11.98
CA CYS E 369 43.10 4.07 12.35
C CYS E 369 42.26 4.13 13.62
N MET E 370 41.38 3.16 13.84
CA MET E 370 40.55 3.18 15.04
C MET E 370 41.38 3.08 16.31
N ASN E 371 42.64 2.68 16.16
CA ASN E 371 43.56 2.52 17.28
C ASN E 371 44.22 3.85 17.65
N ARG E 372 44.02 4.88 16.83
CA ARG E 372 44.60 6.19 17.07
C ARG E 372 43.55 7.30 17.13
N SER E 373 42.39 6.95 17.67
CA SER E 373 41.25 7.87 17.84
C SER E 373 40.70 8.55 16.58
N ILE E 374 40.35 7.76 15.58
CA ILE E 374 39.75 8.27 14.35
C ILE E 374 38.83 7.17 13.88
N ALA E 375 37.53 7.36 14.04
CA ALA E 375 36.58 6.33 13.68
C ALA E 375 36.06 6.50 12.26
N LEU E 376 36.30 5.51 11.41
CA LEU E 376 35.84 5.55 10.04
C LEU E 376 35.20 4.23 9.66
N THR E 377 34.49 4.23 8.54
CA THR E 377 33.85 3.04 8.01
C THR E 377 34.16 2.96 6.53
N GLN E 378 33.89 1.82 5.93
CA GLN E 378 33.89 1.71 4.49
C GLN E 378 32.48 1.47 3.99
N ALA E 379 32.23 1.90 2.76
CA ALA E 379 30.91 1.78 2.16
C ALA E 379 30.53 0.31 2.00
N ARG E 380 29.23 0.03 2.17
CA ARG E 380 28.72 -1.32 2.18
C ARG E 380 27.63 -1.47 1.12
N TYR E 381 27.73 -2.52 0.33
CA TYR E 381 26.80 -2.79 -0.76
C TYR E 381 26.37 -4.25 -0.73
N LEU E 382 25.26 -4.52 -1.40
CA LEU E 382 24.78 -5.87 -1.64
C LEU E 382 25.29 -6.25 -3.03
N GLU E 383 26.35 -7.07 -3.07
CA GLU E 383 27.14 -7.23 -4.28
C GLU E 383 26.34 -7.80 -5.44
N LYS E 384 25.53 -8.83 -5.17
CA LYS E 384 24.73 -9.46 -6.21
C LYS E 384 23.48 -8.70 -6.66
N GLU E 385 22.97 -7.81 -5.82
CA GLU E 385 21.73 -7.06 -6.12
C GLU E 385 21.90 -5.59 -6.52
N GLU E 386 22.91 -5.27 -7.30
CA GLU E 386 23.24 -3.92 -7.72
C GLU E 386 23.19 -3.90 -9.24
N LYS E 387 22.58 -2.86 -9.82
CA LYS E 387 22.71 -2.68 -11.26
C LYS E 387 24.17 -2.46 -11.63
N CYS E 388 24.81 -1.47 -11.01
CA CYS E 388 26.20 -1.16 -11.21
C CYS E 388 26.86 -1.11 -9.84
N LEU E 389 27.90 -1.91 -9.65
CA LEU E 389 28.50 -2.06 -8.34
C LEU E 389 29.71 -1.14 -8.21
N PRO E 390 29.70 -0.20 -7.28
CA PRO E 390 30.81 0.74 -7.15
C PRO E 390 32.05 0.07 -6.58
N PRO E 391 33.22 0.66 -6.76
CA PRO E 391 34.45 0.08 -6.22
C PRO E 391 34.50 0.18 -4.70
N PRO E 392 35.27 -0.67 -4.03
CA PRO E 392 35.42 -0.54 -2.58
C PRO E 392 36.10 0.76 -2.20
N SER E 393 35.65 1.34 -1.08
CA SER E 393 36.07 2.68 -0.71
C SER E 393 35.89 2.87 0.78
N ILE E 394 36.48 3.96 1.29
CA ILE E 394 36.31 4.40 2.67
C ILE E 394 35.58 5.73 2.65
N ARG E 395 34.61 5.90 3.55
CA ARG E 395 33.86 7.13 3.66
C ARG E 395 34.55 8.09 4.61
N VAL E 396 34.70 9.34 4.18
CA VAL E 396 35.15 10.44 5.03
C VAL E 396 34.01 11.44 5.09
N VAL E 397 33.51 11.71 6.30
CA VAL E 397 32.32 12.53 6.50
C VAL E 397 32.67 13.69 7.41
N VAL E 398 32.29 14.90 7.00
CA VAL E 398 32.63 16.13 7.68
C VAL E 398 31.39 16.69 8.36
N THR E 399 31.56 17.20 9.58
CA THR E 399 30.50 17.85 10.33
C THR E 399 31.04 19.13 10.95
N VAL E 400 30.12 20.05 11.26
CA VAL E 400 30.49 21.34 11.83
C VAL E 400 31.07 21.26 13.23
N GLU E 401 30.99 20.09 13.86
CA GLU E 401 31.50 19.90 15.22
C GLU E 401 32.98 19.54 15.26
N GLN E 402 33.66 19.47 14.13
CA GLN E 402 35.07 19.08 14.09
C GLN E 402 35.94 20.33 14.01
N THR E 403 36.91 20.42 14.91
CA THR E 403 37.84 21.53 14.96
C THR E 403 38.86 21.40 13.83
N GLU E 404 39.46 22.53 13.45
CA GLU E 404 40.47 22.53 12.40
C GLU E 404 41.68 21.67 12.77
N GLU E 405 42.09 21.71 14.04
CA GLU E 405 43.22 20.91 14.51
C GLU E 405 42.97 19.42 14.35
N GLU E 406 41.80 18.93 14.76
CA GLU E 406 41.52 17.51 14.56
C GLU E 406 41.20 17.16 13.12
N LEU E 407 40.73 18.12 12.32
CA LEU E 407 40.63 17.90 10.88
C LEU E 407 41.97 17.67 10.23
N GLU E 408 43.00 18.42 10.60
CA GLU E 408 44.31 18.16 10.02
C GLU E 408 44.99 16.94 10.65
N ARG E 409 44.64 16.66 11.89
CA ARG E 409 45.16 15.50 12.61
C ARG E 409 44.68 14.22 11.94
N ALA E 410 43.40 14.19 11.55
CA ALA E 410 42.87 13.04 10.83
C ALA E 410 43.58 12.81 9.50
N ALA E 411 43.84 13.87 8.75
CA ALA E 411 44.50 13.75 7.46
C ALA E 411 45.93 13.27 7.58
N SER E 412 46.68 13.74 8.57
CA SER E 412 48.02 13.21 8.80
C SER E 412 48.01 11.74 9.21
N THR E 413 47.10 11.35 10.10
CA THR E 413 47.01 9.97 10.55
C THR E 413 46.64 9.02 9.42
N ILE E 414 45.70 9.41 8.55
CA ILE E 414 45.34 8.50 7.46
C ILE E 414 46.53 8.29 6.53
N LYS E 415 47.29 9.34 6.21
CA LYS E 415 48.48 9.20 5.37
C LYS E 415 49.49 8.26 6.01
N GLU E 416 49.76 8.43 7.30
CA GLU E 416 50.76 7.63 7.97
C GLU E 416 50.47 6.13 7.84
N VAL E 417 49.21 5.73 8.08
CA VAL E 417 48.87 4.31 8.08
C VAL E 417 48.53 3.79 6.70
N ALA E 418 48.26 4.66 5.73
CA ALA E 418 48.06 4.21 4.37
C ALA E 418 49.36 4.07 3.59
N GLN E 419 50.44 4.68 4.06
CA GLN E 419 51.73 4.46 3.43
C GLN E 419 52.52 3.32 4.04
N ALA E 420 51.99 2.66 5.06
CA ALA E 420 52.63 1.49 5.66
C ALA E 420 51.79 0.23 5.52
N VAL E 421 50.68 0.28 4.80
CA VAL E 421 49.89 -0.91 4.50
C VAL E 421 49.95 -1.14 3.00
N LEU E 422 50.06 -0.05 2.24
CA LEU E 422 50.05 -0.11 0.78
C LEU E 422 51.45 -0.07 0.19
N LEU E 423 52.49 -0.06 1.02
CA LEU E 423 53.86 -0.07 0.54
C LEU E 423 54.25 -1.47 0.11
#